data_2EPQ
#
_entry.id   2EPQ
#
loop_
_entity.id
_entity.type
_entity.pdbx_description
1 polymer 'POZ-, AT hook-, and zinc finger-containing protein 1'
2 non-polymer 'ZINC ION'
#
_entity_poly.entity_id   1
_entity_poly.type   'polypeptide(L)'
_entity_poly.pdbx_seq_one_letter_code
;GSSGSSGEKPYSCPVCGLRFKRKDRMSYHVRSHDGSVGKSGPSSG
;
_entity_poly.pdbx_strand_id   A
#
loop_
_chem_comp.id
_chem_comp.type
_chem_comp.name
_chem_comp.formula
ZN non-polymer 'ZINC ION' 'Zn 2'
#
# COMPACT_ATOMS: atom_id res chain seq x y z
N GLY A 1 9.82 -8.65 6.69
CA GLY A 1 8.71 -8.30 7.56
C GLY A 1 7.61 -9.34 7.54
N SER A 2 7.13 -9.70 8.72
CA SER A 2 6.07 -10.70 8.84
C SER A 2 4.94 -10.18 9.74
N SER A 3 3.75 -10.07 9.16
CA SER A 3 2.59 -9.58 9.91
C SER A 3 2.28 -10.50 11.10
N GLY A 4 1.81 -11.69 10.80
CA GLY A 4 1.48 -12.65 11.85
C GLY A 4 -0.01 -12.75 12.09
N SER A 5 -0.77 -12.96 11.03
CA SER A 5 -2.23 -13.07 11.14
C SER A 5 -2.78 -14.00 10.07
N SER A 6 -3.66 -14.91 10.47
CA SER A 6 -4.26 -15.86 9.55
C SER A 6 -5.01 -15.14 8.43
N GLY A 7 -5.56 -13.97 8.76
CA GLY A 7 -6.30 -13.19 7.78
C GLY A 7 -6.98 -11.99 8.38
N GLU A 8 -6.26 -10.87 8.42
CA GLU A 8 -6.81 -9.64 8.98
C GLU A 8 -6.30 -8.42 8.22
N LYS A 9 -7.18 -7.44 8.00
CA LYS A 9 -6.83 -6.22 7.29
C LYS A 9 -6.35 -6.55 5.88
N PRO A 10 -7.30 -6.91 5.00
CA PRO A 10 -7.00 -7.25 3.61
C PRO A 10 -6.58 -6.02 2.79
N TYR A 11 -6.80 -4.85 3.36
CA TYR A 11 -6.44 -3.61 2.68
C TYR A 11 -5.50 -2.77 3.54
N SER A 12 -4.24 -2.70 3.12
CA SER A 12 -3.24 -1.93 3.86
C SER A 12 -2.24 -1.27 2.89
N CYS A 13 -1.44 -0.36 3.42
CA CYS A 13 -0.45 0.34 2.61
C CYS A 13 0.97 -0.04 3.04
N PRO A 14 1.39 -1.27 2.67
CA PRO A 14 2.73 -1.77 3.00
C PRO A 14 3.83 -1.05 2.24
N VAL A 15 3.44 -0.27 1.25
CA VAL A 15 4.40 0.48 0.44
C VAL A 15 5.15 1.51 1.29
N CYS A 16 4.42 2.21 2.15
CA CYS A 16 5.01 3.21 3.01
C CYS A 16 4.86 2.83 4.49
N GLY A 17 3.84 2.03 4.77
CA GLY A 17 3.61 1.60 6.14
C GLY A 17 2.43 2.31 6.78
N LEU A 18 1.23 1.90 6.42
CA LEU A 18 0.02 2.50 6.96
C LEU A 18 -1.21 1.67 6.62
N ARG A 19 -1.77 1.01 7.64
CA ARG A 19 -2.95 0.17 7.45
C ARG A 19 -4.17 1.02 7.07
N PHE A 20 -5.20 0.36 6.55
CA PHE A 20 -6.41 1.07 6.15
C PHE A 20 -7.64 0.16 6.34
N LYS A 21 -8.77 0.78 6.67
CA LYS A 21 -10.01 0.04 6.88
C LYS A 21 -10.89 0.08 5.62
N ARG A 22 -10.83 1.19 4.90
CA ARG A 22 -11.61 1.36 3.69
C ARG A 22 -10.83 0.88 2.47
N LYS A 23 -11.55 0.30 1.51
CA LYS A 23 -10.92 -0.20 0.29
C LYS A 23 -10.86 0.89 -0.78
N ASP A 24 -11.78 1.84 -0.70
CA ASP A 24 -11.83 2.93 -1.66
C ASP A 24 -10.88 4.05 -1.26
N ARG A 25 -10.64 4.18 0.04
CA ARG A 25 -9.75 5.21 0.56
C ARG A 25 -8.29 4.80 0.41
N MET A 26 -8.02 3.51 0.64
CA MET A 26 -6.67 2.99 0.54
C MET A 26 -6.20 2.99 -0.91
N SER A 27 -7.14 2.88 -1.84
CA SER A 27 -6.82 2.86 -3.27
C SER A 27 -6.35 4.25 -3.72
N TYR A 28 -6.79 5.27 -3.02
CA TYR A 28 -6.43 6.65 -3.35
C TYR A 28 -5.10 7.03 -2.70
N HIS A 29 -4.78 6.38 -1.59
CA HIS A 29 -3.55 6.65 -0.86
C HIS A 29 -2.40 5.77 -1.39
N VAL A 30 -2.62 4.46 -1.35
CA VAL A 30 -1.62 3.51 -1.82
C VAL A 30 -1.16 3.85 -3.24
N ARG A 31 -2.08 4.34 -4.05
CA ARG A 31 -1.77 4.70 -5.43
C ARG A 31 -0.84 5.93 -5.48
N SER A 32 -0.98 6.80 -4.48
CA SER A 32 -0.16 8.00 -4.42
C SER A 32 1.32 7.66 -4.53
N HIS A 33 1.69 6.47 -4.05
CA HIS A 33 3.07 6.02 -4.10
C HIS A 33 3.43 5.51 -5.50
N ASP A 34 2.79 4.43 -5.92
CA ASP A 34 3.04 3.84 -7.23
C ASP A 34 2.30 4.61 -8.31
N GLY A 35 2.93 5.68 -8.81
CA GLY A 35 2.32 6.49 -9.84
C GLY A 35 2.53 5.90 -11.23
N SER A 36 1.44 5.72 -11.96
CA SER A 36 1.50 5.16 -13.30
C SER A 36 0.27 5.57 -14.12
N VAL A 37 0.52 6.04 -15.34
CA VAL A 37 -0.56 6.47 -16.22
C VAL A 37 -0.04 6.77 -17.62
N GLY A 38 -0.88 6.51 -18.63
CA GLY A 38 -0.48 6.77 -20.00
C GLY A 38 -1.46 6.21 -21.01
N LYS A 39 -2.71 6.67 -20.94
CA LYS A 39 -3.74 6.20 -21.85
C LYS A 39 -3.29 6.32 -23.30
N SER A 40 -3.95 5.58 -24.17
CA SER A 40 -3.62 5.60 -25.60
C SER A 40 -4.07 6.91 -26.24
N GLY A 41 -3.52 7.20 -27.42
CA GLY A 41 -3.88 8.43 -28.12
C GLY A 41 -5.27 8.35 -28.74
N PRO A 42 -5.74 9.50 -29.24
CA PRO A 42 -7.07 9.59 -29.87
C PRO A 42 -7.13 8.87 -31.21
N SER A 43 -7.81 7.72 -31.22
CA SER A 43 -7.94 6.93 -32.44
C SER A 43 -8.88 7.60 -33.43
N SER A 44 -8.69 7.32 -34.71
CA SER A 44 -9.52 7.90 -35.76
C SER A 44 -11.00 7.59 -35.52
N GLY A 45 -11.87 8.39 -36.12
CA GLY A 45 -13.30 8.19 -35.95
C GLY A 45 -13.93 9.25 -35.09
ZN ZN B . 0.95 4.90 2.04
N GLY A 1 4.28 -15.26 14.78
CA GLY A 1 5.33 -15.18 15.80
C GLY A 1 4.98 -14.22 16.91
N SER A 2 4.76 -12.96 16.58
CA SER A 2 4.42 -11.94 17.56
C SER A 2 2.90 -11.86 17.75
N SER A 3 2.48 -11.00 18.68
CA SER A 3 1.06 -10.83 18.96
C SER A 3 0.67 -9.34 18.89
N GLY A 4 -0.63 -9.08 18.91
CA GLY A 4 -1.11 -7.72 18.86
C GLY A 4 -1.74 -7.38 17.53
N SER A 5 -1.05 -7.72 16.43
CA SER A 5 -1.55 -7.45 15.09
C SER A 5 -2.09 -8.72 14.45
N SER A 6 -2.86 -9.49 15.21
CA SER A 6 -3.43 -10.73 14.72
C SER A 6 -4.78 -10.48 14.04
N GLY A 7 -4.76 -10.40 12.72
CA GLY A 7 -5.98 -10.17 11.97
C GLY A 7 -5.72 -9.92 10.50
N GLU A 8 -6.74 -10.17 9.67
CA GLU A 8 -6.61 -9.98 8.23
C GLU A 8 -6.74 -8.51 7.86
N LYS A 9 -5.87 -8.06 6.95
CA LYS A 9 -5.89 -6.68 6.51
C LYS A 9 -5.47 -6.57 5.04
N PRO A 10 -6.38 -6.97 4.14
CA PRO A 10 -6.14 -6.93 2.70
C PRO A 10 -6.09 -5.50 2.16
N TYR A 11 -6.58 -4.56 2.95
CA TYR A 11 -6.60 -3.16 2.55
C TYR A 11 -5.63 -2.34 3.41
N SER A 12 -4.34 -2.46 3.10
CA SER A 12 -3.31 -1.74 3.83
C SER A 12 -2.33 -1.08 2.88
N CYS A 13 -1.35 -0.38 3.44
CA CYS A 13 -0.33 0.30 2.63
C CYS A 13 1.07 -0.09 3.08
N PRO A 14 1.49 -1.32 2.72
CA PRO A 14 2.81 -1.84 3.07
C PRO A 14 3.93 -1.13 2.32
N VAL A 15 3.55 -0.31 1.35
CA VAL A 15 4.53 0.43 0.55
C VAL A 15 5.26 1.47 1.40
N CYS A 16 4.51 2.15 2.27
CA CYS A 16 5.08 3.18 3.13
C CYS A 16 4.93 2.79 4.60
N GLY A 17 3.93 1.96 4.89
CA GLY A 17 3.71 1.51 6.26
C GLY A 17 2.53 2.21 6.90
N LEU A 18 1.33 1.83 6.49
CA LEU A 18 0.11 2.42 7.03
C LEU A 18 -1.13 1.62 6.61
N ARG A 19 -1.68 0.88 7.55
CA ARG A 19 -2.87 0.07 7.28
C ARG A 19 -4.06 0.95 6.94
N PHE A 20 -5.11 0.34 6.37
CA PHE A 20 -6.31 1.07 6.00
C PHE A 20 -7.56 0.26 6.33
N LYS A 21 -8.65 0.96 6.58
CA LYS A 21 -9.92 0.31 6.91
C LYS A 21 -10.87 0.35 5.71
N ARG A 22 -10.75 1.38 4.89
CA ARG A 22 -11.60 1.54 3.72
C ARG A 22 -10.96 0.90 2.50
N LYS A 23 -11.79 0.36 1.61
CA LYS A 23 -11.30 -0.28 0.39
C LYS A 23 -11.12 0.74 -0.73
N ASP A 24 -11.87 1.83 -0.65
CA ASP A 24 -11.78 2.88 -1.67
C ASP A 24 -10.67 3.87 -1.33
N ARG A 25 -10.68 4.37 -0.10
CA ARG A 25 -9.67 5.33 0.36
C ARG A 25 -8.27 4.74 0.20
N MET A 26 -8.10 3.50 0.65
CA MET A 26 -6.81 2.84 0.58
C MET A 26 -6.28 2.85 -0.86
N SER A 27 -7.19 2.70 -1.83
CA SER A 27 -6.81 2.70 -3.23
C SER A 27 -6.35 4.08 -3.68
N TYR A 28 -6.84 5.10 -2.99
CA TYR A 28 -6.48 6.48 -3.32
C TYR A 28 -5.14 6.87 -2.70
N HIS A 29 -4.80 6.20 -1.59
CA HIS A 29 -3.55 6.46 -0.89
C HIS A 29 -2.44 5.57 -1.43
N VAL A 30 -2.66 4.25 -1.39
CA VAL A 30 -1.67 3.29 -1.86
C VAL A 30 -1.22 3.63 -3.28
N ARG A 31 -2.12 4.23 -4.05
CA ARG A 31 -1.80 4.60 -5.42
C ARG A 31 -0.93 5.85 -5.47
N SER A 32 -1.12 6.74 -4.51
CA SER A 32 -0.35 7.98 -4.43
C SER A 32 1.14 7.69 -4.49
N HIS A 33 1.54 6.53 -3.99
CA HIS A 33 2.94 6.14 -4.00
C HIS A 33 3.39 5.72 -5.40
N ASP A 34 2.75 4.69 -5.94
CA ASP A 34 3.08 4.20 -7.27
C ASP A 34 2.50 5.11 -8.35
N GLY A 35 3.18 6.21 -8.62
CA GLY A 35 2.72 7.15 -9.63
C GLY A 35 3.24 6.80 -11.01
N SER A 36 4.16 7.61 -11.51
CA SER A 36 4.73 7.39 -12.84
C SER A 36 6.23 7.15 -12.76
N VAL A 37 6.63 6.28 -11.84
CA VAL A 37 8.04 5.95 -11.66
C VAL A 37 8.31 4.47 -11.92
N GLY A 38 8.71 4.15 -13.14
CA GLY A 38 8.98 2.76 -13.49
C GLY A 38 10.21 2.63 -14.36
N LYS A 39 11.22 1.94 -13.84
CA LYS A 39 12.47 1.73 -14.59
C LYS A 39 12.40 0.45 -15.39
N SER A 40 11.94 -0.63 -14.77
CA SER A 40 11.83 -1.92 -15.42
C SER A 40 10.86 -1.86 -16.60
N GLY A 41 11.17 -2.61 -17.65
CA GLY A 41 10.31 -2.62 -18.82
C GLY A 41 10.77 -1.64 -19.89
N PRO A 42 10.21 -1.76 -21.10
CA PRO A 42 10.55 -0.89 -22.22
C PRO A 42 10.05 0.54 -22.02
N SER A 43 8.80 0.67 -21.58
CA SER A 43 8.20 1.98 -21.34
C SER A 43 8.22 2.33 -19.87
N SER A 44 8.51 3.59 -19.57
CA SER A 44 8.57 4.06 -18.19
C SER A 44 7.21 3.94 -17.51
N GLY A 45 6.14 4.09 -18.30
CA GLY A 45 4.80 4.00 -17.77
C GLY A 45 4.21 5.35 -17.43
ZN ZN B . 1.00 4.83 2.07
N GLY A 1 8.12 -9.32 8.72
CA GLY A 1 8.07 -10.68 9.23
C GLY A 1 7.39 -10.76 10.59
N SER A 2 6.05 -10.87 10.57
CA SER A 2 5.27 -10.96 11.80
C SER A 2 4.93 -12.40 12.11
N SER A 3 5.01 -12.76 13.39
CA SER A 3 4.70 -14.12 13.83
C SER A 3 3.22 -14.26 14.15
N GLY A 4 2.43 -14.56 13.13
CA GLY A 4 1.00 -14.72 13.33
C GLY A 4 0.30 -13.40 13.61
N SER A 5 -0.19 -12.76 12.55
CA SER A 5 -0.88 -11.48 12.69
C SER A 5 -2.30 -11.67 13.20
N SER A 6 -2.82 -10.66 13.88
CA SER A 6 -4.17 -10.73 14.43
C SER A 6 -5.09 -9.73 13.73
N GLY A 7 -6.39 -9.83 14.01
CA GLY A 7 -7.35 -8.93 13.39
C GLY A 7 -7.59 -9.25 11.93
N GLU A 8 -7.95 -8.23 11.16
CA GLU A 8 -8.20 -8.41 9.73
C GLU A 8 -8.10 -7.08 8.99
N LYS A 9 -7.11 -6.97 8.12
CA LYS A 9 -6.89 -5.75 7.34
C LYS A 9 -6.17 -6.05 6.03
N PRO A 10 -6.88 -6.65 5.08
CA PRO A 10 -6.33 -7.01 3.78
C PRO A 10 -6.04 -5.78 2.92
N TYR A 11 -6.63 -4.65 3.30
CA TYR A 11 -6.43 -3.41 2.56
C TYR A 11 -5.54 -2.45 3.34
N SER A 12 -4.23 -2.66 3.25
CA SER A 12 -3.26 -1.82 3.95
C SER A 12 -2.26 -1.22 2.97
N CYS A 13 -1.42 -0.33 3.47
CA CYS A 13 -0.40 0.32 2.65
C CYS A 13 1.00 -0.10 3.08
N PRO A 14 1.38 -1.34 2.73
CA PRO A 14 2.70 -1.88 3.06
C PRO A 14 3.83 -1.21 2.29
N VAL A 15 3.45 -0.39 1.31
CA VAL A 15 4.43 0.32 0.50
C VAL A 15 5.20 1.34 1.32
N CYS A 16 4.49 2.08 2.17
CA CYS A 16 5.11 3.10 3.01
C CYS A 16 4.94 2.74 4.48
N GLY A 17 3.89 1.97 4.79
CA GLY A 17 3.64 1.59 6.16
C GLY A 17 2.46 2.32 6.77
N LEU A 18 1.26 1.90 6.40
CA LEU A 18 0.04 2.53 6.92
C LEU A 18 -1.19 1.68 6.59
N ARG A 19 -1.77 1.09 7.62
CA ARG A 19 -2.96 0.25 7.45
C ARG A 19 -4.17 1.10 7.06
N PHE A 20 -5.21 0.45 6.56
CA PHE A 20 -6.43 1.14 6.15
C PHE A 20 -7.64 0.22 6.28
N LYS A 21 -8.76 0.80 6.72
CA LYS A 21 -9.99 0.05 6.90
C LYS A 21 -10.85 0.09 5.63
N ARG A 22 -10.82 1.23 4.95
CA ARG A 22 -11.58 1.39 3.72
C ARG A 22 -10.84 0.82 2.53
N LYS A 23 -11.59 0.21 1.61
CA LYS A 23 -11.00 -0.39 0.41
C LYS A 23 -10.90 0.64 -0.72
N ASP A 24 -11.77 1.64 -0.68
CA ASP A 24 -11.78 2.69 -1.70
C ASP A 24 -10.75 3.77 -1.38
N ARG A 25 -10.76 4.23 -0.13
CA ARG A 25 -9.84 5.26 0.31
C ARG A 25 -8.38 4.81 0.15
N MET A 26 -8.11 3.60 0.63
CA MET A 26 -6.76 3.04 0.53
C MET A 26 -6.27 3.04 -0.91
N SER A 27 -7.21 2.96 -1.85
CA SER A 27 -6.87 2.93 -3.27
C SER A 27 -6.36 4.30 -3.72
N TYR A 28 -6.77 5.34 -3.02
CA TYR A 28 -6.36 6.70 -3.35
C TYR A 28 -5.03 7.04 -2.69
N HIS A 29 -4.73 6.36 -1.58
CA HIS A 29 -3.49 6.60 -0.86
C HIS A 29 -2.38 5.69 -1.38
N VAL A 30 -2.64 4.38 -1.36
CA VAL A 30 -1.67 3.40 -1.83
C VAL A 30 -1.21 3.72 -3.24
N ARG A 31 -2.07 4.38 -4.00
CA ARG A 31 -1.76 4.74 -5.39
C ARG A 31 -0.82 5.94 -5.42
N SER A 32 -0.94 6.82 -4.43
CA SER A 32 -0.10 8.01 -4.35
C SER A 32 1.38 7.66 -4.48
N HIS A 33 1.73 6.45 -4.02
CA HIS A 33 3.10 5.99 -4.08
C HIS A 33 3.44 5.49 -5.48
N ASP A 34 2.58 4.65 -6.03
CA ASP A 34 2.79 4.09 -7.36
C ASP A 34 2.22 5.02 -8.43
N GLY A 35 2.91 6.13 -8.68
CA GLY A 35 2.46 7.08 -9.68
C GLY A 35 3.35 7.10 -10.91
N SER A 36 4.16 8.13 -11.03
CA SER A 36 5.06 8.27 -12.17
C SER A 36 5.89 7.00 -12.36
N VAL A 37 6.31 6.38 -11.26
CA VAL A 37 7.10 5.17 -11.30
C VAL A 37 6.21 3.94 -11.51
N GLY A 38 6.70 2.98 -12.28
CA GLY A 38 5.94 1.78 -12.54
C GLY A 38 5.46 1.68 -13.98
N LYS A 39 5.12 2.83 -14.56
CA LYS A 39 4.65 2.87 -15.93
C LYS A 39 5.36 3.96 -16.72
N SER A 40 5.04 4.06 -18.00
CA SER A 40 5.65 5.06 -18.88
C SER A 40 7.17 4.95 -18.83
N GLY A 41 7.66 3.74 -18.56
CA GLY A 41 9.10 3.53 -18.50
C GLY A 41 9.47 2.07 -18.65
N PRO A 42 9.25 1.28 -17.58
CA PRO A 42 9.56 -0.15 -17.59
C PRO A 42 8.62 -0.95 -18.48
N SER A 43 9.21 -1.75 -19.37
CA SER A 43 8.42 -2.56 -20.30
C SER A 43 8.11 -3.92 -19.70
N SER A 44 7.17 -3.93 -18.75
CA SER A 44 6.76 -5.17 -18.09
C SER A 44 5.52 -5.75 -18.74
N GLY A 45 4.43 -4.97 -18.72
CA GLY A 45 3.18 -5.43 -19.32
C GLY A 45 1.99 -4.66 -18.79
ZN ZN B . 1.10 4.86 1.99
N GLY A 1 9.94 -1.85 3.00
CA GLY A 1 9.69 -2.81 4.06
C GLY A 1 8.37 -3.53 3.89
N SER A 2 8.42 -4.78 3.45
CA SER A 2 7.21 -5.57 3.24
C SER A 2 7.55 -7.05 3.11
N SER A 3 6.88 -7.88 3.91
CA SER A 3 7.11 -9.32 3.88
C SER A 3 5.95 -10.04 3.21
N GLY A 4 4.73 -9.61 3.53
CA GLY A 4 3.55 -10.23 2.96
C GLY A 4 2.26 -9.72 3.57
N SER A 5 1.63 -10.55 4.39
CA SER A 5 0.37 -10.17 5.03
C SER A 5 0.31 -10.73 6.45
N SER A 6 -0.55 -10.14 7.27
CA SER A 6 -0.71 -10.58 8.65
C SER A 6 -2.10 -10.20 9.19
N GLY A 7 -2.78 -11.18 9.76
CA GLY A 7 -4.10 -10.93 10.30
C GLY A 7 -5.18 -10.90 9.23
N GLU A 8 -6.12 -9.97 9.35
CA GLU A 8 -7.20 -9.85 8.39
C GLU A 8 -7.29 -8.42 7.85
N LYS A 9 -6.17 -7.92 7.34
CA LYS A 9 -6.12 -6.57 6.79
C LYS A 9 -5.60 -6.59 5.36
N PRO A 10 -6.46 -7.04 4.43
CA PRO A 10 -6.11 -7.12 3.00
C PRO A 10 -5.98 -5.74 2.36
N TYR A 11 -6.48 -4.72 3.06
CA TYR A 11 -6.42 -3.35 2.55
C TYR A 11 -5.48 -2.50 3.40
N SER A 12 -4.20 -2.55 3.08
CA SER A 12 -3.19 -1.78 3.83
C SER A 12 -2.17 -1.17 2.87
N CYS A 13 -1.34 -0.28 3.40
CA CYS A 13 -0.30 0.37 2.60
C CYS A 13 1.09 -0.04 3.06
N PRO A 14 1.48 -1.28 2.72
CA PRO A 14 2.79 -1.82 3.09
C PRO A 14 3.94 -1.14 2.34
N VAL A 15 3.58 -0.32 1.36
CA VAL A 15 4.58 0.40 0.57
C VAL A 15 5.32 1.43 1.42
N CYS A 16 4.57 2.14 2.26
CA CYS A 16 5.15 3.16 3.13
C CYS A 16 4.98 2.79 4.59
N GLY A 17 3.95 1.99 4.88
CA GLY A 17 3.69 1.57 6.25
C GLY A 17 2.50 2.28 6.86
N LEU A 18 1.31 1.89 6.44
CA LEU A 18 0.08 2.49 6.94
C LEU A 18 -1.14 1.69 6.52
N ARG A 19 -1.72 0.95 7.48
CA ARG A 19 -2.90 0.13 7.20
C ARG A 19 -4.11 1.01 6.88
N PHE A 20 -5.13 0.39 6.29
CA PHE A 20 -6.34 1.12 5.93
C PHE A 20 -7.58 0.28 6.22
N LYS A 21 -8.68 0.96 6.55
CA LYS A 21 -9.93 0.28 6.86
C LYS A 21 -10.88 0.32 5.66
N ARG A 22 -10.77 1.37 4.87
CA ARG A 22 -11.62 1.54 3.68
C ARG A 22 -10.94 0.96 2.44
N LYS A 23 -11.74 0.38 1.56
CA LYS A 23 -11.23 -0.21 0.33
C LYS A 23 -11.14 0.82 -0.78
N ASP A 24 -11.97 1.86 -0.68
CA ASP A 24 -11.98 2.92 -1.68
C ASP A 24 -11.02 4.04 -1.29
N ARG A 25 -10.80 4.20 0.00
CA ARG A 25 -9.90 5.23 0.51
C ARG A 25 -8.45 4.76 0.45
N MET A 26 -8.25 3.46 0.59
CA MET A 26 -6.91 2.88 0.56
C MET A 26 -6.34 2.93 -0.85
N SER A 27 -7.21 2.81 -1.84
CA SER A 27 -6.78 2.82 -3.24
C SER A 27 -6.30 4.21 -3.64
N TYR A 28 -6.80 5.22 -2.95
CA TYR A 28 -6.42 6.61 -3.22
C TYR A 28 -5.09 6.95 -2.59
N HIS A 29 -4.75 6.25 -1.52
CA HIS A 29 -3.49 6.47 -0.82
C HIS A 29 -2.39 5.56 -1.35
N VAL A 30 -2.66 4.25 -1.35
CA VAL A 30 -1.70 3.27 -1.85
C VAL A 30 -1.20 3.64 -3.24
N ARG A 31 -2.12 4.12 -4.08
CA ARG A 31 -1.78 4.51 -5.44
C ARG A 31 -0.92 5.78 -5.45
N SER A 32 -1.11 6.62 -4.43
CA SER A 32 -0.37 7.86 -4.32
C SER A 32 1.14 7.61 -4.43
N HIS A 33 1.57 6.43 -4.00
CA HIS A 33 2.97 6.06 -4.05
C HIS A 33 3.36 5.60 -5.46
N ASP A 34 2.65 4.59 -5.95
CA ASP A 34 2.93 4.05 -7.28
C ASP A 34 2.91 5.16 -8.33
N GLY A 35 2.00 6.12 -8.17
CA GLY A 35 1.89 7.21 -9.11
C GLY A 35 2.80 8.38 -8.74
N SER A 36 3.14 9.19 -9.74
CA SER A 36 4.01 10.33 -9.52
C SER A 36 3.28 11.64 -9.81
N VAL A 37 2.36 12.00 -8.91
CA VAL A 37 1.59 13.23 -9.07
C VAL A 37 2.51 14.44 -9.25
N GLY A 38 3.71 14.35 -8.71
CA GLY A 38 4.66 15.44 -8.83
C GLY A 38 5.86 15.27 -7.91
N LYS A 39 6.60 16.35 -7.68
CA LYS A 39 7.77 16.31 -6.82
C LYS A 39 7.61 17.26 -5.63
N SER A 40 6.38 17.37 -5.14
CA SER A 40 6.09 18.25 -4.01
C SER A 40 6.66 17.67 -2.72
N GLY A 41 7.85 18.12 -2.34
CA GLY A 41 8.48 17.64 -1.13
C GLY A 41 9.43 16.48 -1.39
N PRO A 42 10.04 15.95 -0.33
CA PRO A 42 10.98 14.83 -0.42
C PRO A 42 10.29 13.52 -0.81
N SER A 43 11.09 12.47 -0.96
CA SER A 43 10.56 11.16 -1.33
C SER A 43 10.47 10.25 -0.11
N SER A 44 9.41 9.43 -0.08
CA SER A 44 9.22 8.50 1.03
C SER A 44 9.79 7.13 0.70
N GLY A 45 9.96 6.30 1.73
CA GLY A 45 10.51 4.97 1.54
C GLY A 45 9.85 3.94 2.44
ZN ZN B . 1.12 4.97 2.05
N GLY A 1 -1.21 -15.63 19.60
CA GLY A 1 0.09 -15.92 20.16
C GLY A 1 0.93 -16.82 19.27
N SER A 2 1.87 -16.21 18.54
CA SER A 2 2.73 -16.97 17.64
C SER A 2 1.90 -17.77 16.64
N SER A 3 0.74 -17.25 16.29
CA SER A 3 -0.16 -17.92 15.35
C SER A 3 -0.54 -16.98 14.21
N GLY A 4 0.39 -16.10 13.84
CA GLY A 4 0.12 -15.16 12.76
C GLY A 4 -0.50 -13.87 13.25
N SER A 5 0.15 -12.75 12.98
CA SER A 5 -0.35 -11.45 13.41
C SER A 5 -0.72 -10.60 12.21
N SER A 6 -1.74 -11.01 11.48
CA SER A 6 -2.20 -10.28 10.30
C SER A 6 -3.39 -9.39 10.64
N GLY A 7 -4.30 -9.91 11.45
CA GLY A 7 -5.47 -9.15 11.83
C GLY A 7 -6.50 -9.05 10.72
N GLU A 8 -7.58 -8.31 10.97
CA GLU A 8 -8.64 -8.15 9.98
C GLU A 8 -8.47 -6.84 9.22
N LYS A 9 -7.51 -6.81 8.30
CA LYS A 9 -7.24 -5.62 7.50
C LYS A 9 -6.47 -5.99 6.24
N PRO A 10 -7.16 -6.61 5.27
CA PRO A 10 -6.55 -7.01 4.00
C PRO A 10 -6.20 -5.81 3.12
N TYR A 11 -6.76 -4.65 3.44
CA TYR A 11 -6.50 -3.44 2.69
C TYR A 11 -5.57 -2.51 3.44
N SER A 12 -4.27 -2.79 3.37
CA SER A 12 -3.27 -1.98 4.06
C SER A 12 -2.32 -1.34 3.06
N CYS A 13 -1.49 -0.42 3.54
CA CYS A 13 -0.53 0.27 2.69
C CYS A 13 0.90 -0.11 3.06
N PRO A 14 1.31 -1.32 2.67
CA PRO A 14 2.66 -1.84 2.95
C PRO A 14 3.73 -1.11 2.16
N VAL A 15 3.30 -0.27 1.22
CA VAL A 15 4.23 0.49 0.38
C VAL A 15 4.99 1.52 1.20
N CYS A 16 4.28 2.18 2.11
CA CYS A 16 4.89 3.19 2.97
C CYS A 16 4.82 2.79 4.43
N GLY A 17 3.82 1.97 4.77
CA GLY A 17 3.66 1.51 6.14
C GLY A 17 2.51 2.19 6.84
N LEU A 18 1.28 1.79 6.49
CA LEU A 18 0.09 2.37 7.09
C LEU A 18 -1.15 1.56 6.72
N ARG A 19 -1.74 0.91 7.72
CA ARG A 19 -2.94 0.10 7.50
C ARG A 19 -4.11 0.97 7.09
N PHE A 20 -5.12 0.36 6.48
CA PHE A 20 -6.31 1.07 6.04
C PHE A 20 -7.56 0.25 6.28
N LYS A 21 -8.63 0.91 6.71
CA LYS A 21 -9.89 0.24 6.98
C LYS A 21 -10.80 0.27 5.74
N ARG A 22 -10.64 1.30 4.92
CA ARG A 22 -11.44 1.44 3.71
C ARG A 22 -10.71 0.84 2.51
N LYS A 23 -11.48 0.22 1.62
CA LYS A 23 -10.91 -0.39 0.42
C LYS A 23 -10.84 0.61 -0.73
N ASP A 24 -11.71 1.61 -0.69
CA ASP A 24 -11.74 2.64 -1.72
C ASP A 24 -10.81 3.80 -1.36
N ARG A 25 -10.75 4.13 -0.07
CA ARG A 25 -9.91 5.22 0.40
C ARG A 25 -8.44 4.84 0.30
N MET A 26 -8.14 3.56 0.52
CA MET A 26 -6.77 3.07 0.46
C MET A 26 -6.26 3.05 -0.99
N SER A 27 -7.18 2.93 -1.93
CA SER A 27 -6.83 2.90 -3.35
C SER A 27 -6.34 4.26 -3.82
N TYR A 28 -6.79 5.31 -3.14
CA TYR A 28 -6.40 6.67 -3.49
C TYR A 28 -5.09 7.05 -2.81
N HIS A 29 -4.81 6.41 -1.68
CA HIS A 29 -3.58 6.68 -0.93
C HIS A 29 -2.44 5.80 -1.43
N VAL A 30 -2.66 4.49 -1.39
CA VAL A 30 -1.65 3.53 -1.82
C VAL A 30 -1.18 3.84 -3.24
N ARG A 31 -2.06 4.45 -4.02
CA ARG A 31 -1.73 4.81 -5.40
C ARG A 31 -0.79 6.01 -5.45
N SER A 32 -0.92 6.90 -4.46
CA SER A 32 -0.08 8.09 -4.40
C SER A 32 1.40 7.72 -4.49
N HIS A 33 1.73 6.53 -4.02
CA HIS A 33 3.12 6.06 -4.04
C HIS A 33 3.49 5.58 -5.45
N ASP A 34 2.82 4.53 -5.91
CA ASP A 34 3.09 3.98 -7.23
C ASP A 34 2.27 4.69 -8.30
N GLY A 35 2.64 5.94 -8.58
CA GLY A 35 1.92 6.71 -9.57
C GLY A 35 2.28 6.31 -10.99
N SER A 36 3.55 6.52 -11.36
CA SER A 36 4.02 6.18 -12.70
C SER A 36 4.32 4.69 -12.81
N VAL A 37 3.38 3.94 -13.39
CA VAL A 37 3.55 2.50 -13.55
C VAL A 37 4.62 2.19 -14.60
N GLY A 38 5.84 1.99 -14.14
CA GLY A 38 6.93 1.68 -15.05
C GLY A 38 8.09 0.99 -14.37
N LYS A 39 7.78 -0.04 -13.59
CA LYS A 39 8.81 -0.78 -12.86
C LYS A 39 9.82 -1.40 -13.83
N SER A 40 10.96 -0.74 -13.98
CA SER A 40 12.00 -1.21 -14.88
C SER A 40 13.39 -0.91 -14.30
N GLY A 41 14.22 -1.95 -14.22
CA GLY A 41 15.56 -1.79 -13.69
C GLY A 41 16.31 -3.10 -13.59
N PRO A 42 15.96 -3.92 -12.59
CA PRO A 42 16.60 -5.22 -12.37
C PRO A 42 16.24 -6.23 -13.46
N SER A 43 17.08 -6.32 -14.48
CA SER A 43 16.86 -7.25 -15.59
C SER A 43 17.49 -8.60 -15.30
N SER A 44 16.77 -9.43 -14.55
CA SER A 44 17.26 -10.76 -14.19
C SER A 44 17.10 -11.73 -15.37
N GLY A 45 17.60 -12.95 -15.19
CA GLY A 45 17.51 -13.94 -16.24
C GLY A 45 17.58 -15.36 -15.70
ZN ZN B . 0.78 4.87 2.06
N GLY A 1 -1.38 -10.43 13.35
CA GLY A 1 -0.37 -10.69 12.34
C GLY A 1 -0.39 -12.13 11.87
N SER A 2 -1.22 -12.41 10.86
CA SER A 2 -1.33 -13.75 10.31
C SER A 2 -0.90 -13.79 8.85
N SER A 3 0.17 -14.53 8.57
CA SER A 3 0.68 -14.64 7.22
C SER A 3 -0.14 -15.63 6.40
N GLY A 4 -0.26 -15.37 5.10
CA GLY A 4 -1.02 -16.25 4.23
C GLY A 4 -1.03 -15.77 2.80
N SER A 5 -2.21 -15.80 2.17
CA SER A 5 -2.35 -15.38 0.79
C SER A 5 -3.24 -14.15 0.67
N SER A 6 -4.31 -14.13 1.47
CA SER A 6 -5.25 -13.01 1.47
C SER A 6 -4.94 -12.03 2.59
N GLY A 7 -4.69 -12.57 3.78
CA GLY A 7 -4.39 -11.73 4.93
C GLY A 7 -5.63 -11.21 5.62
N GLU A 8 -5.46 -10.70 6.83
CA GLU A 8 -6.58 -10.17 7.60
C GLU A 8 -6.86 -8.72 7.22
N LYS A 9 -5.83 -8.02 6.76
CA LYS A 9 -5.96 -6.62 6.36
C LYS A 9 -5.49 -6.42 4.92
N PRO A 10 -6.32 -6.87 3.96
CA PRO A 10 -6.02 -6.75 2.54
C PRO A 10 -6.07 -5.30 2.05
N TYR A 11 -6.56 -4.41 2.92
CA TYR A 11 -6.67 -3.00 2.57
C TYR A 11 -5.70 -2.16 3.41
N SER A 12 -4.41 -2.33 3.15
CA SER A 12 -3.38 -1.60 3.87
C SER A 12 -2.36 -0.99 2.91
N CYS A 13 -1.38 -0.29 3.45
CA CYS A 13 -0.34 0.34 2.65
C CYS A 13 1.04 -0.10 3.09
N PRO A 14 1.40 -1.35 2.74
CA PRO A 14 2.71 -1.92 3.10
C PRO A 14 3.85 -1.26 2.33
N VAL A 15 3.51 -0.42 1.36
CA VAL A 15 4.51 0.26 0.56
C VAL A 15 5.29 1.27 1.40
N CYS A 16 4.57 2.02 2.25
CA CYS A 16 5.19 3.01 3.11
C CYS A 16 5.01 2.65 4.59
N GLY A 17 3.96 1.88 4.87
CA GLY A 17 3.70 1.48 6.24
C GLY A 17 2.52 2.22 6.85
N LEU A 18 1.31 1.83 6.45
CA LEU A 18 0.10 2.47 6.96
C LEU A 18 -1.14 1.67 6.57
N ARG A 19 -1.73 0.97 7.54
CA ARG A 19 -2.91 0.17 7.31
C ARG A 19 -4.12 1.06 7.03
N PHE A 20 -5.15 0.48 6.42
CA PHE A 20 -6.36 1.22 6.09
C PHE A 20 -7.61 0.39 6.40
N LYS A 21 -8.74 1.06 6.53
CA LYS A 21 -10.00 0.38 6.82
C LYS A 21 -10.88 0.29 5.57
N ARG A 22 -10.85 1.35 4.76
CA ARG A 22 -11.64 1.39 3.53
C ARG A 22 -10.86 0.77 2.37
N LYS A 23 -11.58 0.12 1.46
CA LYS A 23 -10.96 -0.52 0.31
C LYS A 23 -10.86 0.46 -0.86
N ASP A 24 -11.77 1.43 -0.89
CA ASP A 24 -11.79 2.43 -1.95
C ASP A 24 -10.93 3.63 -1.58
N ARG A 25 -10.81 3.89 -0.28
CA ARG A 25 -10.03 5.02 0.21
C ARG A 25 -8.55 4.65 0.30
N MET A 26 -8.27 3.40 0.67
CA MET A 26 -6.90 2.92 0.79
C MET A 26 -6.15 3.09 -0.52
N SER A 27 -6.88 3.01 -1.63
CA SER A 27 -6.27 3.14 -2.96
C SER A 27 -5.80 4.57 -3.19
N TYR A 28 -6.63 5.53 -2.79
CA TYR A 28 -6.29 6.95 -2.95
C TYR A 28 -4.93 7.26 -2.32
N HIS A 29 -4.56 6.48 -1.31
CA HIS A 29 -3.29 6.68 -0.63
C HIS A 29 -2.22 5.76 -1.19
N VAL A 30 -2.49 4.46 -1.16
CA VAL A 30 -1.54 3.48 -1.68
C VAL A 30 -1.14 3.79 -3.11
N ARG A 31 -2.13 3.89 -3.99
CA ARG A 31 -1.87 4.20 -5.39
C ARG A 31 -1.05 5.47 -5.54
N SER A 32 -1.27 6.41 -4.62
CA SER A 32 -0.56 7.69 -4.66
C SER A 32 0.94 7.46 -4.73
N HIS A 33 1.39 6.35 -4.17
CA HIS A 33 2.82 6.01 -4.17
C HIS A 33 3.27 5.59 -5.57
N ASP A 34 2.42 4.85 -6.26
CA ASP A 34 2.73 4.38 -7.61
C ASP A 34 2.48 5.48 -8.63
N GLY A 35 3.37 6.48 -8.65
CA GLY A 35 3.24 7.58 -9.58
C GLY A 35 4.33 8.62 -9.42
N SER A 36 4.90 9.06 -10.53
CA SER A 36 5.96 10.05 -10.51
C SER A 36 5.40 11.45 -10.75
N VAL A 37 6.00 12.44 -10.11
CA VAL A 37 5.56 13.83 -10.26
C VAL A 37 6.70 14.71 -10.78
N GLY A 38 7.62 14.10 -11.53
CA GLY A 38 8.73 14.85 -12.07
C GLY A 38 8.57 15.14 -13.55
N LYS A 39 8.76 14.13 -14.38
CA LYS A 39 8.64 14.29 -15.83
C LYS A 39 7.19 14.07 -16.28
N SER A 40 6.94 14.29 -17.56
CA SER A 40 5.61 14.12 -18.11
C SER A 40 5.24 12.64 -18.22
N GLY A 41 6.04 11.90 -18.97
CA GLY A 41 5.79 10.48 -19.14
C GLY A 41 6.39 9.93 -20.42
N PRO A 42 7.73 9.79 -20.44
CA PRO A 42 8.45 9.28 -21.60
C PRO A 42 8.20 7.80 -21.83
N SER A 43 8.62 7.30 -23.00
CA SER A 43 8.43 5.90 -23.34
C SER A 43 6.97 5.49 -23.18
N SER A 44 6.07 6.41 -23.46
CA SER A 44 4.64 6.15 -23.34
C SER A 44 4.13 5.30 -24.50
N GLY A 45 4.82 5.40 -25.64
CA GLY A 45 4.43 4.65 -26.81
C GLY A 45 3.91 5.52 -27.93
ZN ZN B . 1.22 4.86 1.99
N GLY A 1 -11.63 -28.38 11.24
CA GLY A 1 -11.13 -27.64 12.39
C GLY A 1 -10.68 -26.24 12.02
N SER A 2 -11.44 -25.24 12.47
CA SER A 2 -11.11 -23.84 12.18
C SER A 2 -9.92 -23.37 13.02
N SER A 3 -9.09 -22.53 12.44
CA SER A 3 -7.92 -22.00 13.13
C SER A 3 -7.82 -20.49 12.98
N GLY A 4 -7.55 -20.04 11.77
CA GLY A 4 -7.44 -18.61 11.51
C GLY A 4 -6.80 -18.31 10.17
N SER A 5 -7.65 -18.07 9.16
CA SER A 5 -7.16 -17.77 7.82
C SER A 5 -6.38 -16.46 7.80
N SER A 6 -5.28 -16.45 7.06
CA SER A 6 -4.43 -15.26 6.96
C SER A 6 -5.09 -14.20 6.08
N GLY A 7 -6.04 -13.46 6.66
CA GLY A 7 -6.73 -12.43 5.91
C GLY A 7 -6.95 -11.17 6.73
N GLU A 8 -6.13 -10.98 7.75
CA GLU A 8 -6.24 -9.81 8.62
C GLU A 8 -5.82 -8.54 7.88
N LYS A 9 -6.75 -7.60 7.78
CA LYS A 9 -6.47 -6.33 7.10
C LYS A 9 -6.02 -6.58 5.67
N PRO A 10 -6.98 -6.96 4.80
CA PRO A 10 -6.71 -7.23 3.39
C PRO A 10 -6.37 -5.96 2.61
N TYR A 11 -6.64 -4.81 3.21
CA TYR A 11 -6.38 -3.53 2.58
C TYR A 11 -5.44 -2.67 3.43
N SER A 12 -4.17 -2.63 3.05
CA SER A 12 -3.18 -1.86 3.79
C SER A 12 -2.18 -1.22 2.83
N CYS A 13 -1.36 -0.31 3.36
CA CYS A 13 -0.36 0.37 2.55
C CYS A 13 1.05 -0.02 3.00
N PRO A 14 1.47 -1.24 2.63
CA PRO A 14 2.80 -1.76 2.98
C PRO A 14 3.91 -1.04 2.23
N VAL A 15 3.53 -0.21 1.26
CA VAL A 15 4.50 0.53 0.47
C VAL A 15 5.23 1.56 1.32
N CYS A 16 4.48 2.27 2.17
CA CYS A 16 5.06 3.29 3.03
C CYS A 16 4.89 2.91 4.50
N GLY A 17 3.88 2.10 4.78
CA GLY A 17 3.62 1.67 6.15
C GLY A 17 2.42 2.37 6.76
N LEU A 18 1.22 1.93 6.39
CA LEU A 18 0.00 2.52 6.91
C LEU A 18 -1.22 1.66 6.55
N ARG A 19 -1.83 1.07 7.56
CA ARG A 19 -3.00 0.22 7.36
C ARG A 19 -4.22 1.06 7.00
N PHE A 20 -5.27 0.40 6.53
CA PHE A 20 -6.50 1.08 6.14
C PHE A 20 -7.71 0.17 6.33
N LYS A 21 -8.84 0.77 6.69
CA LYS A 21 -10.07 0.02 6.90
C LYS A 21 -10.96 0.05 5.66
N ARG A 22 -10.94 1.18 4.95
CA ARG A 22 -11.73 1.33 3.74
C ARG A 22 -10.98 0.80 2.53
N LYS A 23 -11.72 0.25 1.57
CA LYS A 23 -11.13 -0.30 0.36
C LYS A 23 -11.02 0.77 -0.72
N ASP A 24 -11.89 1.77 -0.65
CA ASP A 24 -11.89 2.86 -1.62
C ASP A 24 -10.88 3.94 -1.22
N ARG A 25 -10.77 4.20 0.07
CA ARG A 25 -9.84 5.21 0.57
C ARG A 25 -8.40 4.73 0.40
N MET A 26 -8.14 3.48 0.75
CA MET A 26 -6.79 2.92 0.64
C MET A 26 -6.29 3.00 -0.80
N SER A 27 -7.22 2.90 -1.75
CA SER A 27 -6.87 2.96 -3.17
C SER A 27 -6.46 4.37 -3.56
N TYR A 28 -6.93 5.36 -2.81
CA TYR A 28 -6.62 6.75 -3.09
C TYR A 28 -5.27 7.14 -2.47
N HIS A 29 -4.86 6.38 -1.46
CA HIS A 29 -3.60 6.64 -0.77
C HIS A 29 -2.47 5.77 -1.34
N VAL A 30 -2.69 4.46 -1.33
CA VAL A 30 -1.71 3.51 -1.85
C VAL A 30 -1.31 3.86 -3.27
N ARG A 31 -2.21 4.51 -4.00
CA ARG A 31 -1.96 4.90 -5.38
C ARG A 31 -0.83 5.93 -5.45
N SER A 32 -0.80 6.84 -4.47
CA SER A 32 0.22 7.88 -4.42
C SER A 32 1.62 7.27 -4.55
N HIS A 33 1.77 6.04 -4.07
CA HIS A 33 3.06 5.36 -4.13
C HIS A 33 3.18 4.54 -5.42
N ASP A 34 2.82 5.15 -6.54
CA ASP A 34 2.88 4.47 -7.83
C ASP A 34 4.32 4.39 -8.33
N GLY A 35 4.56 3.47 -9.27
CA GLY A 35 5.89 3.29 -9.80
C GLY A 35 6.21 1.85 -10.11
N SER A 36 6.62 1.58 -11.34
CA SER A 36 6.95 0.22 -11.76
C SER A 36 8.06 -0.36 -10.89
N VAL A 37 8.14 -1.69 -10.86
CA VAL A 37 9.15 -2.38 -10.05
C VAL A 37 10.39 -2.69 -10.89
N GLY A 38 11.53 -2.16 -10.47
CA GLY A 38 12.77 -2.38 -11.18
C GLY A 38 13.18 -1.19 -12.02
N LYS A 39 13.37 -0.05 -11.37
CA LYS A 39 13.77 1.17 -12.06
C LYS A 39 15.28 1.29 -12.11
N SER A 40 15.83 1.33 -13.33
CA SER A 40 17.27 1.46 -13.52
C SER A 40 18.01 0.30 -12.83
N GLY A 41 17.35 -0.86 -12.79
CA GLY A 41 17.95 -2.03 -12.17
C GLY A 41 18.87 -2.78 -13.11
N PRO A 42 19.68 -3.69 -12.55
CA PRO A 42 20.63 -4.50 -13.33
C PRO A 42 19.93 -5.52 -14.21
N SER A 43 20.43 -5.68 -15.43
CA SER A 43 19.85 -6.62 -16.39
C SER A 43 20.51 -7.99 -16.26
N SER A 44 21.82 -7.98 -16.01
CA SER A 44 22.58 -9.23 -15.87
C SER A 44 22.24 -9.93 -14.56
N GLY A 45 22.60 -9.29 -13.45
CA GLY A 45 22.33 -9.86 -12.14
C GLY A 45 21.03 -9.36 -11.54
ZN ZN B . 1.02 4.93 1.88
N GLY A 1 2.64 -5.30 23.85
CA GLY A 1 2.88 -4.47 22.68
C GLY A 1 1.89 -4.73 21.57
N SER A 2 0.81 -3.95 21.55
CA SER A 2 -0.23 -4.11 20.54
C SER A 2 0.25 -3.57 19.19
N SER A 3 0.39 -4.48 18.22
CA SER A 3 0.83 -4.10 16.89
C SER A 3 -0.34 -3.68 16.01
N GLY A 4 -0.89 -2.50 16.30
CA GLY A 4 -2.02 -2.01 15.53
C GLY A 4 -3.35 -2.51 16.06
N SER A 5 -4.28 -2.77 15.15
CA SER A 5 -5.61 -3.26 15.53
C SER A 5 -5.73 -4.76 15.27
N SER A 6 -6.74 -5.37 15.88
CA SER A 6 -6.97 -6.80 15.72
C SER A 6 -7.95 -7.07 14.58
N GLY A 7 -7.81 -8.24 13.95
CA GLY A 7 -8.69 -8.60 12.85
C GLY A 7 -7.97 -8.62 11.51
N GLU A 8 -8.57 -9.28 10.53
CA GLU A 8 -7.97 -9.36 9.20
C GLU A 8 -7.87 -7.99 8.55
N LYS A 9 -6.69 -7.67 8.03
CA LYS A 9 -6.47 -6.39 7.38
C LYS A 9 -6.05 -6.57 5.93
N PRO A 10 -7.02 -6.94 5.07
CA PRO A 10 -6.78 -7.16 3.65
C PRO A 10 -6.49 -5.87 2.90
N TYR A 11 -6.78 -4.74 3.55
CA TYR A 11 -6.55 -3.43 2.94
C TYR A 11 -5.56 -2.61 3.78
N SER A 12 -4.35 -2.44 3.26
CA SER A 12 -3.32 -1.68 3.96
C SER A 12 -2.33 -1.08 2.96
N CYS A 13 -1.44 -0.23 3.46
CA CYS A 13 -0.43 0.42 2.63
C CYS A 13 0.98 0.00 3.04
N PRO A 14 1.35 -1.24 2.67
CA PRO A 14 2.68 -1.78 3.00
C PRO A 14 3.79 -1.10 2.21
N VAL A 15 3.41 -0.27 1.24
CA VAL A 15 4.37 0.44 0.42
C VAL A 15 5.17 1.45 1.24
N CYS A 16 4.45 2.19 2.10
CA CYS A 16 5.09 3.20 2.95
C CYS A 16 4.93 2.84 4.42
N GLY A 17 3.88 2.07 4.73
CA GLY A 17 3.64 1.67 6.10
C GLY A 17 2.46 2.39 6.72
N LEU A 18 1.26 1.96 6.35
CA LEU A 18 0.03 2.58 6.87
C LEU A 18 -1.19 1.72 6.55
N ARG A 19 -1.69 1.01 7.55
CA ARG A 19 -2.85 0.16 7.37
C ARG A 19 -4.10 0.98 7.07
N PHE A 20 -5.16 0.32 6.63
CA PHE A 20 -6.41 1.00 6.31
C PHE A 20 -7.61 0.08 6.54
N LYS A 21 -8.80 0.60 6.32
CA LYS A 21 -10.02 -0.17 6.50
C LYS A 21 -10.88 -0.15 5.23
N ARG A 22 -10.90 1.00 4.56
CA ARG A 22 -11.67 1.14 3.34
C ARG A 22 -10.82 0.83 2.11
N LYS A 23 -11.38 0.06 1.19
CA LYS A 23 -10.68 -0.32 -0.03
C LYS A 23 -10.69 0.82 -1.05
N ASP A 24 -11.69 1.68 -0.94
CA ASP A 24 -11.82 2.81 -1.84
C ASP A 24 -10.98 4.00 -1.37
N ARG A 25 -10.77 4.08 -0.06
CA ARG A 25 -9.98 5.16 0.53
C ARG A 25 -8.50 4.82 0.51
N MET A 26 -8.18 3.59 0.93
CA MET A 26 -6.79 3.14 0.96
C MET A 26 -6.16 3.21 -0.42
N SER A 27 -6.97 2.96 -1.45
CA SER A 27 -6.48 3.00 -2.82
C SER A 27 -6.01 4.39 -3.20
N TYR A 28 -6.80 5.40 -2.83
CA TYR A 28 -6.46 6.79 -3.14
C TYR A 28 -5.12 7.17 -2.51
N HIS A 29 -4.77 6.49 -1.43
CA HIS A 29 -3.51 6.75 -0.73
C HIS A 29 -2.38 5.92 -1.31
N VAL A 30 -2.54 4.60 -1.28
CA VAL A 30 -1.52 3.69 -1.80
C VAL A 30 -1.14 4.07 -3.23
N ARG A 31 -2.13 4.48 -4.01
CA ARG A 31 -1.89 4.87 -5.39
C ARG A 31 -0.86 6.00 -5.48
N SER A 32 -0.85 6.85 -4.46
CA SER A 32 0.09 7.97 -4.42
C SER A 32 1.52 7.49 -4.59
N HIS A 33 1.79 6.26 -4.16
CA HIS A 33 3.12 5.68 -4.26
C HIS A 33 3.32 5.03 -5.64
N ASP A 34 2.37 4.19 -6.03
CA ASP A 34 2.44 3.50 -7.32
C ASP A 34 2.21 4.49 -8.47
N GLY A 35 3.26 5.20 -8.85
CA GLY A 35 3.15 6.16 -9.94
C GLY A 35 3.67 5.62 -11.25
N SER A 36 4.30 6.47 -12.04
CA SER A 36 4.84 6.07 -13.34
C SER A 36 6.35 5.88 -13.26
N VAL A 37 6.77 4.68 -12.87
CA VAL A 37 8.19 4.37 -12.76
C VAL A 37 8.46 2.92 -13.11
N GLY A 38 9.52 2.68 -13.90
CA GLY A 38 9.87 1.33 -14.29
C GLY A 38 9.02 0.82 -15.43
N LYS A 39 9.04 -0.49 -15.65
CA LYS A 39 8.26 -1.11 -16.71
C LYS A 39 6.86 -1.48 -16.23
N SER A 40 5.91 -1.51 -17.16
CA SER A 40 4.53 -1.85 -16.83
C SER A 40 4.20 -3.26 -17.27
N GLY A 41 4.31 -3.51 -18.58
CA GLY A 41 4.02 -4.82 -19.11
C GLY A 41 4.71 -5.09 -20.43
N PRO A 42 4.39 -6.22 -21.06
CA PRO A 42 4.96 -6.60 -22.35
C PRO A 42 4.47 -5.72 -23.50
N SER A 43 4.88 -6.06 -24.71
CA SER A 43 4.48 -5.29 -25.89
C SER A 43 4.86 -3.82 -25.73
N SER A 44 5.90 -3.56 -24.93
CA SER A 44 6.35 -2.20 -24.70
C SER A 44 7.86 -2.08 -24.94
N GLY A 45 8.31 -0.85 -25.18
CA GLY A 45 9.72 -0.62 -25.43
C GLY A 45 10.40 0.11 -24.29
ZN ZN B . 1.06 4.95 1.98
N GLY A 1 -5.56 -2.76 13.50
CA GLY A 1 -4.28 -2.57 14.15
C GLY A 1 -3.62 -3.89 14.52
N SER A 2 -3.98 -4.42 15.69
CA SER A 2 -3.41 -5.68 16.16
C SER A 2 -4.35 -6.36 17.14
N SER A 3 -4.97 -7.44 16.69
CA SER A 3 -5.90 -8.19 17.53
C SER A 3 -5.16 -9.24 18.37
N GLY A 4 -4.63 -10.26 17.69
CA GLY A 4 -3.90 -11.30 18.39
C GLY A 4 -3.03 -12.12 17.46
N SER A 5 -3.55 -13.24 16.98
CA SER A 5 -2.80 -14.11 16.08
C SER A 5 -2.85 -13.58 14.65
N SER A 6 -3.94 -12.93 14.30
CA SER A 6 -4.12 -12.38 12.96
C SER A 6 -5.14 -11.25 12.96
N GLY A 7 -4.91 -10.25 12.10
CA GLY A 7 -5.82 -9.12 12.02
C GLY A 7 -6.56 -9.07 10.70
N GLU A 8 -7.67 -8.34 10.68
CA GLU A 8 -8.47 -8.21 9.47
C GLU A 8 -8.20 -6.87 8.78
N LYS A 9 -7.38 -6.91 7.73
CA LYS A 9 -7.04 -5.70 6.99
C LYS A 9 -6.33 -6.05 5.69
N PRO A 10 -7.08 -6.57 4.71
CA PRO A 10 -6.54 -6.96 3.40
C PRO A 10 -6.13 -5.76 2.57
N TYR A 11 -6.60 -4.58 2.96
CA TYR A 11 -6.28 -3.35 2.25
C TYR A 11 -5.39 -2.45 3.09
N SER A 12 -4.07 -2.63 2.96
CA SER A 12 -3.11 -1.84 3.70
C SER A 12 -2.09 -1.20 2.76
N CYS A 13 -1.29 -0.28 3.30
CA CYS A 13 -0.27 0.40 2.52
C CYS A 13 1.13 0.02 2.98
N PRO A 14 1.56 -1.19 2.61
CA PRO A 14 2.88 -1.70 2.99
C PRO A 14 4.01 -0.98 2.26
N VAL A 15 3.64 -0.14 1.29
CA VAL A 15 4.62 0.62 0.53
C VAL A 15 5.35 1.63 1.40
N CYS A 16 4.59 2.35 2.22
CA CYS A 16 5.16 3.35 3.12
C CYS A 16 4.93 2.97 4.58
N GLY A 17 3.87 2.21 4.82
CA GLY A 17 3.54 1.79 6.16
C GLY A 17 2.33 2.49 6.72
N LEU A 18 1.14 2.02 6.35
CA LEU A 18 -0.10 2.62 6.80
C LEU A 18 -1.29 1.74 6.46
N ARG A 19 -1.90 1.15 7.48
CA ARG A 19 -3.06 0.27 7.29
C ARG A 19 -4.29 1.08 6.88
N PHE A 20 -5.30 0.39 6.37
CA PHE A 20 -6.53 1.04 5.95
C PHE A 20 -7.72 0.09 6.07
N LYS A 21 -8.81 0.59 6.63
CA LYS A 21 -10.02 -0.22 6.82
C LYS A 21 -10.93 -0.10 5.60
N ARG A 22 -10.82 1.02 4.88
CA ARG A 22 -11.64 1.25 3.70
C ARG A 22 -10.97 0.69 2.45
N LYS A 23 -11.78 0.24 1.50
CA LYS A 23 -11.26 -0.32 0.26
C LYS A 23 -11.05 0.76 -0.79
N ASP A 24 -11.80 1.86 -0.66
CA ASP A 24 -11.69 2.97 -1.60
C ASP A 24 -10.58 3.93 -1.17
N ARG A 25 -10.66 4.42 0.06
CA ARG A 25 -9.68 5.34 0.58
C ARG A 25 -8.27 4.80 0.41
N MET A 26 -8.09 3.53 0.77
CA MET A 26 -6.79 2.88 0.64
C MET A 26 -6.25 2.99 -0.77
N SER A 27 -7.14 2.91 -1.75
CA SER A 27 -6.77 3.00 -3.15
C SER A 27 -6.37 4.42 -3.52
N TYR A 28 -6.86 5.39 -2.75
CA TYR A 28 -6.56 6.80 -2.99
C TYR A 28 -5.22 7.17 -2.39
N HIS A 29 -4.78 6.41 -1.39
CA HIS A 29 -3.52 6.66 -0.72
C HIS A 29 -2.41 5.79 -1.31
N VAL A 30 -2.63 4.49 -1.31
CA VAL A 30 -1.64 3.54 -1.84
C VAL A 30 -1.25 3.92 -3.27
N ARG A 31 -2.15 4.57 -3.99
CA ARG A 31 -1.89 4.99 -5.36
C ARG A 31 -0.77 6.01 -5.40
N SER A 32 -0.73 6.90 -4.42
CA SER A 32 0.30 7.93 -4.35
C SER A 32 1.69 7.33 -4.48
N HIS A 33 1.83 6.10 -4.01
CA HIS A 33 3.12 5.40 -4.08
C HIS A 33 3.22 4.57 -5.35
N ASP A 34 2.08 4.11 -5.85
CA ASP A 34 2.03 3.30 -7.06
C ASP A 34 2.43 4.12 -8.28
N GLY A 35 1.92 5.35 -8.34
CA GLY A 35 2.23 6.21 -9.46
C GLY A 35 3.07 7.40 -9.05
N SER A 36 3.39 8.26 -10.02
CA SER A 36 4.20 9.45 -9.76
C SER A 36 3.46 10.72 -10.14
N VAL A 37 2.25 10.87 -9.61
CA VAL A 37 1.43 12.05 -9.90
C VAL A 37 1.49 13.04 -8.74
N GLY A 38 1.73 12.54 -7.54
CA GLY A 38 1.79 13.40 -6.37
C GLY A 38 3.22 13.69 -5.96
N LYS A 39 3.74 12.90 -5.03
CA LYS A 39 5.11 13.09 -4.55
C LYS A 39 6.04 12.02 -5.11
N SER A 40 7.33 12.22 -4.97
CA SER A 40 8.33 11.27 -5.46
C SER A 40 8.54 10.15 -4.45
N GLY A 41 7.79 9.06 -4.63
CA GLY A 41 7.92 7.92 -3.74
C GLY A 41 9.25 7.22 -3.88
N PRO A 42 9.36 6.02 -3.26
CA PRO A 42 10.59 5.21 -3.32
C PRO A 42 10.83 4.63 -4.71
N SER A 43 9.79 4.62 -5.52
CA SER A 43 9.90 4.08 -6.88
C SER A 43 8.75 4.57 -7.76
N SER A 44 9.05 4.83 -9.03
CA SER A 44 8.04 5.31 -9.96
C SER A 44 7.59 4.19 -10.90
N GLY A 45 6.68 3.36 -10.42
CA GLY A 45 6.18 2.26 -11.23
C GLY A 45 4.76 2.47 -11.68
ZN ZN B . 1.17 4.95 1.92
N GLY A 1 4.99 -20.48 11.20
CA GLY A 1 4.82 -19.05 11.36
C GLY A 1 3.50 -18.55 10.81
N SER A 2 2.76 -17.81 11.64
CA SER A 2 1.47 -17.29 11.23
C SER A 2 1.61 -16.26 10.12
N SER A 3 2.31 -15.16 10.42
CA SER A 3 2.53 -14.10 9.45
C SER A 3 3.60 -14.50 8.43
N GLY A 4 3.75 -13.69 7.39
CA GLY A 4 4.73 -13.98 6.36
C GLY A 4 4.88 -12.84 5.37
N SER A 5 4.51 -13.10 4.11
CA SER A 5 4.61 -12.09 3.07
C SER A 5 3.38 -11.19 3.06
N SER A 6 2.21 -11.80 3.21
CA SER A 6 0.97 -11.05 3.22
C SER A 6 0.80 -10.27 4.53
N GLY A 7 -0.11 -9.31 4.53
CA GLY A 7 -0.35 -8.51 5.72
C GLY A 7 -1.42 -9.11 6.62
N GLU A 8 -2.00 -8.27 7.48
CA GLU A 8 -3.04 -8.72 8.39
C GLU A 8 -4.43 -8.44 7.81
N LYS A 9 -4.68 -7.17 7.52
CA LYS A 9 -5.97 -6.76 6.96
C LYS A 9 -6.00 -6.96 5.45
N PRO A 10 -7.21 -7.01 4.88
CA PRO A 10 -7.40 -7.19 3.44
C PRO A 10 -6.97 -5.96 2.65
N TYR A 11 -6.84 -4.83 3.33
CA TYR A 11 -6.43 -3.59 2.69
C TYR A 11 -5.49 -2.79 3.58
N SER A 12 -4.35 -2.40 3.02
CA SER A 12 -3.36 -1.62 3.76
C SER A 12 -2.34 -1.00 2.82
N CYS A 13 -1.38 -0.27 3.40
CA CYS A 13 -0.34 0.38 2.61
C CYS A 13 1.05 -0.05 3.09
N PRO A 14 1.43 -1.28 2.75
CA PRO A 14 2.74 -1.84 3.13
C PRO A 14 3.88 -1.17 2.39
N VAL A 15 3.55 -0.40 1.36
CA VAL A 15 4.56 0.30 0.57
C VAL A 15 5.32 1.31 1.42
N CYS A 16 4.60 2.04 2.25
CA CYS A 16 5.21 3.05 3.11
C CYS A 16 5.01 2.68 4.58
N GLY A 17 3.96 1.92 4.87
CA GLY A 17 3.68 1.51 6.23
C GLY A 17 2.50 2.26 6.83
N LEU A 18 1.30 1.87 6.41
CA LEU A 18 0.07 2.51 6.91
C LEU A 18 -1.15 1.67 6.55
N ARG A 19 -1.74 1.05 7.57
CA ARG A 19 -2.92 0.22 7.37
C ARG A 19 -4.16 1.08 7.12
N PHE A 20 -5.19 0.47 6.56
CA PHE A 20 -6.43 1.20 6.26
C PHE A 20 -7.65 0.30 6.52
N LYS A 21 -8.83 0.90 6.48
CA LYS A 21 -10.07 0.18 6.71
C LYS A 21 -10.89 0.07 5.42
N ARG A 22 -11.00 1.19 4.72
CA ARG A 22 -11.77 1.24 3.46
C ARG A 22 -10.90 0.74 2.30
N LYS A 23 -11.56 0.13 1.32
CA LYS A 23 -10.86 -0.38 0.14
C LYS A 23 -10.77 0.68 -0.94
N ASP A 24 -11.70 1.62 -0.93
CA ASP A 24 -11.72 2.70 -1.91
C ASP A 24 -10.90 3.89 -1.43
N ARG A 25 -10.76 4.02 -0.12
CA ARG A 25 -10.00 5.11 0.47
C ARG A 25 -8.51 4.77 0.53
N MET A 26 -8.21 3.49 0.73
CA MET A 26 -6.83 3.03 0.81
C MET A 26 -6.14 3.18 -0.53
N SER A 27 -6.91 3.10 -1.61
CA SER A 27 -6.36 3.22 -2.96
C SER A 27 -5.88 4.64 -3.22
N TYR A 28 -6.67 5.63 -2.82
CA TYR A 28 -6.33 7.03 -3.01
C TYR A 28 -4.97 7.34 -2.39
N HIS A 29 -4.60 6.56 -1.37
CA HIS A 29 -3.32 6.75 -0.69
C HIS A 29 -2.25 5.83 -1.27
N VAL A 30 -2.51 4.53 -1.22
CA VAL A 30 -1.57 3.54 -1.74
C VAL A 30 -1.17 3.86 -3.18
N ARG A 31 -2.18 3.95 -4.05
CA ARG A 31 -1.94 4.26 -5.46
C ARG A 31 -1.11 5.52 -5.61
N SER A 32 -1.32 6.47 -4.71
CA SER A 32 -0.59 7.74 -4.75
C SER A 32 0.91 7.50 -4.81
N HIS A 33 1.36 6.39 -4.23
CA HIS A 33 2.77 6.04 -4.22
C HIS A 33 3.24 5.65 -5.62
N ASP A 34 2.69 4.56 -6.15
CA ASP A 34 3.06 4.09 -7.48
C ASP A 34 2.35 4.89 -8.55
N GLY A 35 3.11 5.66 -9.33
CA GLY A 35 2.54 6.46 -10.38
C GLY A 35 3.52 7.46 -10.97
N SER A 36 4.13 7.10 -12.08
CA SER A 36 5.10 7.96 -12.73
C SER A 36 4.42 9.12 -13.45
N VAL A 37 4.13 10.18 -12.71
CA VAL A 37 3.47 11.35 -13.27
C VAL A 37 4.48 12.43 -13.63
N GLY A 38 5.58 12.48 -12.88
CA GLY A 38 6.61 13.48 -13.13
C GLY A 38 7.88 12.86 -13.66
N LYS A 39 8.57 12.10 -12.82
CA LYS A 39 9.82 11.46 -13.21
C LYS A 39 9.54 10.12 -13.89
N SER A 40 9.22 10.15 -15.18
CA SER A 40 8.93 8.95 -15.93
C SER A 40 10.19 8.11 -16.11
N GLY A 41 11.32 8.78 -16.28
CA GLY A 41 12.59 8.09 -16.47
C GLY A 41 13.37 8.62 -17.65
N PRO A 42 12.91 8.29 -18.87
CA PRO A 42 13.57 8.74 -20.11
C PRO A 42 13.42 10.23 -20.33
N SER A 43 14.49 10.97 -20.05
CA SER A 43 14.48 12.42 -20.23
C SER A 43 15.83 12.91 -20.74
N SER A 44 15.80 13.94 -21.58
CA SER A 44 17.02 14.50 -22.15
C SER A 44 18.00 14.89 -21.04
N GLY A 45 19.26 14.48 -21.20
CA GLY A 45 20.27 14.80 -20.21
C GLY A 45 21.10 13.59 -19.84
ZN ZN B . 1.23 4.88 2.03
N GLY A 1 4.78 3.54 17.10
CA GLY A 1 4.03 4.14 18.20
C GLY A 1 2.63 3.59 18.30
N SER A 2 2.51 2.26 18.32
CA SER A 2 1.21 1.61 18.42
C SER A 2 1.33 0.25 19.09
N SER A 3 0.37 -0.07 19.95
CA SER A 3 0.37 -1.34 20.67
C SER A 3 0.41 -2.51 19.69
N GLY A 4 -0.49 -2.50 18.71
CA GLY A 4 -0.53 -3.57 17.73
C GLY A 4 -1.95 -4.00 17.40
N SER A 5 -2.28 -4.02 16.12
CA SER A 5 -3.61 -4.41 15.68
C SER A 5 -3.60 -5.82 15.10
N SER A 6 -4.18 -6.76 15.84
CA SER A 6 -4.24 -8.15 15.40
C SER A 6 -5.60 -8.48 14.80
N GLY A 7 -5.89 -7.89 13.64
CA GLY A 7 -7.16 -8.13 12.98
C GLY A 7 -7.02 -8.33 11.49
N GLU A 8 -8.14 -8.58 10.81
CA GLU A 8 -8.13 -8.79 9.36
C GLU A 8 -8.12 -7.46 8.62
N LYS A 9 -7.00 -7.13 8.01
CA LYS A 9 -6.86 -5.88 7.27
C LYS A 9 -6.03 -6.09 6.00
N PRO A 10 -6.63 -6.74 4.99
CA PRO A 10 -5.97 -7.01 3.72
C PRO A 10 -5.75 -5.75 2.90
N TYR A 11 -6.45 -4.68 3.27
CA TYR A 11 -6.33 -3.41 2.56
C TYR A 11 -5.44 -2.44 3.34
N SER A 12 -4.14 -2.65 3.25
CA SER A 12 -3.18 -1.79 3.94
C SER A 12 -2.16 -1.21 2.96
N CYS A 13 -1.32 -0.30 3.46
CA CYS A 13 -0.30 0.33 2.63
C CYS A 13 1.09 -0.09 3.08
N PRO A 14 1.49 -1.32 2.72
CA PRO A 14 2.80 -1.87 3.07
C PRO A 14 3.93 -1.19 2.31
N VAL A 15 3.57 -0.36 1.35
CA VAL A 15 4.55 0.36 0.54
C VAL A 15 5.32 1.37 1.40
N CYS A 16 4.60 2.11 2.22
CA CYS A 16 5.21 3.11 3.08
C CYS A 16 5.01 2.76 4.55
N GLY A 17 3.95 2.00 4.84
CA GLY A 17 3.68 1.61 6.20
C GLY A 17 2.49 2.34 6.79
N LEU A 18 1.28 1.91 6.40
CA LEU A 18 0.06 2.54 6.89
C LEU A 18 -1.16 1.70 6.55
N ARG A 19 -1.72 1.05 7.56
CA ARG A 19 -2.90 0.20 7.36
C ARG A 19 -4.12 1.05 7.00
N PHE A 20 -5.16 0.39 6.50
CA PHE A 20 -6.38 1.08 6.12
C PHE A 20 -7.59 0.14 6.21
N LYS A 21 -8.77 0.73 6.31
CA LYS A 21 -10.01 -0.05 6.41
C LYS A 21 -10.90 0.20 5.21
N ARG A 22 -10.84 1.41 4.67
CA ARG A 22 -11.65 1.77 3.51
C ARG A 22 -10.99 1.29 2.21
N LYS A 23 -11.60 0.27 1.60
CA LYS A 23 -11.08 -0.28 0.35
C LYS A 23 -11.02 0.78 -0.74
N ASP A 24 -11.87 1.80 -0.61
CA ASP A 24 -11.92 2.88 -1.59
C ASP A 24 -10.87 3.95 -1.27
N ARG A 25 -10.74 4.28 0.03
CA ARG A 25 -9.78 5.28 0.47
C ARG A 25 -8.36 4.78 0.29
N MET A 26 -8.10 3.54 0.71
CA MET A 26 -6.77 2.95 0.60
C MET A 26 -6.29 2.98 -0.84
N SER A 27 -7.23 2.90 -1.78
CA SER A 27 -6.91 2.91 -3.20
C SER A 27 -6.41 4.29 -3.64
N TYR A 28 -6.81 5.31 -2.89
CA TYR A 28 -6.41 6.68 -3.20
C TYR A 28 -5.06 7.01 -2.57
N HIS A 29 -4.74 6.31 -1.48
CA HIS A 29 -3.49 6.54 -0.78
C HIS A 29 -2.39 5.61 -1.31
N VAL A 30 -2.66 4.31 -1.28
CA VAL A 30 -1.70 3.33 -1.76
C VAL A 30 -1.22 3.66 -3.17
N ARG A 31 -2.15 4.10 -4.01
CA ARG A 31 -1.83 4.46 -5.38
C ARG A 31 -0.99 5.74 -5.43
N SER A 32 -1.18 6.60 -4.45
CA SER A 32 -0.45 7.86 -4.38
C SER A 32 1.06 7.62 -4.49
N HIS A 33 1.50 6.46 -4.04
CA HIS A 33 2.91 6.11 -4.08
C HIS A 33 3.31 5.68 -5.49
N ASP A 34 2.76 4.54 -5.94
CA ASP A 34 3.06 4.03 -7.26
C ASP A 34 2.33 4.82 -8.34
N GLY A 35 3.08 5.61 -9.10
CA GLY A 35 2.49 6.42 -10.15
C GLY A 35 3.27 6.36 -11.45
N SER A 36 4.59 6.42 -11.33
CA SER A 36 5.47 6.37 -12.50
C SER A 36 5.25 5.08 -13.29
N VAL A 37 5.34 5.18 -14.61
CA VAL A 37 5.16 4.02 -15.48
C VAL A 37 6.24 2.97 -15.22
N GLY A 38 5.85 1.71 -15.24
CA GLY A 38 6.80 0.63 -15.02
C GLY A 38 6.24 -0.72 -15.41
N LYS A 39 5.12 -1.11 -14.81
CA LYS A 39 4.49 -2.38 -15.10
C LYS A 39 5.45 -3.54 -14.83
N SER A 40 6.25 -3.41 -13.77
CA SER A 40 7.21 -4.44 -13.40
C SER A 40 6.81 -5.10 -12.09
N GLY A 41 6.37 -6.36 -12.17
CA GLY A 41 5.97 -7.08 -10.98
C GLY A 41 4.73 -7.92 -11.20
N PRO A 42 3.57 -7.24 -11.33
CA PRO A 42 2.28 -7.91 -11.54
C PRO A 42 2.19 -8.54 -12.93
N SER A 43 1.54 -9.70 -13.00
CA SER A 43 1.37 -10.40 -14.27
C SER A 43 -0.04 -10.20 -14.83
N SER A 44 -0.37 -8.95 -15.12
CA SER A 44 -1.69 -8.61 -15.66
C SER A 44 -1.67 -7.24 -16.31
N GLY A 45 -2.77 -6.90 -16.98
CA GLY A 45 -2.87 -5.62 -17.64
C GLY A 45 -4.29 -5.28 -18.06
ZN ZN B . 1.22 4.87 2.01
N GLY A 1 8.77 -13.01 19.08
CA GLY A 1 8.81 -13.85 20.26
C GLY A 1 7.45 -14.01 20.92
N SER A 2 7.18 -13.19 21.91
CA SER A 2 5.91 -13.24 22.62
C SER A 2 4.74 -12.96 21.68
N SER A 3 4.78 -11.82 21.00
CA SER A 3 3.74 -11.44 20.07
C SER A 3 4.05 -11.94 18.67
N GLY A 4 3.16 -11.63 17.72
CA GLY A 4 3.35 -12.06 16.36
C GLY A 4 2.50 -11.27 15.37
N SER A 5 1.23 -11.07 15.74
CA SER A 5 0.31 -10.34 14.88
C SER A 5 -0.79 -9.68 15.71
N SER A 6 -1.20 -8.48 15.30
CA SER A 6 -2.24 -7.74 16.00
C SER A 6 -3.58 -7.91 15.30
N GLY A 7 -3.58 -7.82 13.99
CA GLY A 7 -4.81 -7.97 13.22
C GLY A 7 -4.66 -7.50 11.78
N GLU A 8 -3.92 -8.26 10.99
CA GLU A 8 -3.70 -7.93 9.59
C GLU A 8 -5.03 -7.77 8.85
N LYS A 9 -5.16 -6.68 8.10
CA LYS A 9 -6.37 -6.42 7.34
C LYS A 9 -6.17 -6.72 5.85
N PRO A 10 -7.28 -6.90 5.13
CA PRO A 10 -7.25 -7.19 3.69
C PRO A 10 -6.79 -6.00 2.87
N TYR A 11 -6.91 -4.81 3.44
CA TYR A 11 -6.50 -3.58 2.77
C TYR A 11 -5.54 -2.77 3.62
N SER A 12 -4.28 -2.71 3.18
CA SER A 12 -3.24 -1.98 3.91
C SER A 12 -2.27 -1.31 2.94
N CYS A 13 -1.45 -0.40 3.47
CA CYS A 13 -0.47 0.31 2.66
C CYS A 13 0.94 -0.05 3.07
N PRO A 14 1.38 -1.27 2.70
CA PRO A 14 2.72 -1.77 3.02
C PRO A 14 3.81 -1.03 2.25
N VAL A 15 3.40 -0.26 1.24
CA VAL A 15 4.34 0.49 0.43
C VAL A 15 5.09 1.51 1.26
N CYS A 16 4.36 2.20 2.14
CA CYS A 16 4.97 3.21 3.00
C CYS A 16 4.84 2.81 4.47
N GLY A 17 3.84 2.00 4.78
CA GLY A 17 3.64 1.56 6.15
C GLY A 17 2.47 2.26 6.81
N LEU A 18 1.25 1.86 6.45
CA LEU A 18 0.05 2.45 7.02
C LEU A 18 -1.18 1.62 6.70
N ARG A 19 -1.74 0.97 7.72
CA ARG A 19 -2.92 0.15 7.54
C ARG A 19 -4.12 0.98 7.13
N PHE A 20 -5.14 0.32 6.57
CA PHE A 20 -6.34 1.01 6.13
C PHE A 20 -7.58 0.19 6.46
N LYS A 21 -8.71 0.87 6.62
CA LYS A 21 -9.97 0.20 6.93
C LYS A 21 -10.89 0.18 5.71
N ARG A 22 -10.75 1.19 4.84
CA ARG A 22 -11.56 1.27 3.64
C ARG A 22 -10.78 0.80 2.42
N LYS A 23 -11.49 0.24 1.45
CA LYS A 23 -10.87 -0.26 0.23
C LYS A 23 -10.80 0.85 -0.83
N ASP A 24 -11.71 1.81 -0.74
CA ASP A 24 -11.76 2.92 -1.69
C ASP A 24 -10.79 4.02 -1.27
N ARG A 25 -10.65 4.22 0.04
CA ARG A 25 -9.76 5.24 0.57
C ARG A 25 -8.30 4.83 0.40
N MET A 26 -8.04 3.55 0.62
CA MET A 26 -6.68 3.03 0.50
C MET A 26 -6.23 3.02 -0.95
N SER A 27 -7.18 2.91 -1.87
CA SER A 27 -6.89 2.88 -3.29
C SER A 27 -6.40 4.25 -3.77
N TYR A 28 -6.81 5.29 -3.08
CA TYR A 28 -6.42 6.66 -3.43
C TYR A 28 -5.10 7.03 -2.76
N HIS A 29 -4.82 6.39 -1.63
CA HIS A 29 -3.58 6.66 -0.90
C HIS A 29 -2.44 5.78 -1.40
N VAL A 30 -2.65 4.47 -1.35
CA VAL A 30 -1.64 3.52 -1.80
C VAL A 30 -1.17 3.85 -3.22
N ARG A 31 -2.11 4.31 -4.05
CA ARG A 31 -1.79 4.65 -5.43
C ARG A 31 -0.86 5.86 -5.48
N SER A 32 -0.99 6.75 -4.51
CA SER A 32 -0.15 7.94 -4.44
C SER A 32 1.33 7.59 -4.54
N HIS A 33 1.67 6.40 -4.06
CA HIS A 33 3.06 5.94 -4.09
C HIS A 33 3.42 5.42 -5.48
N ASP A 34 2.54 4.59 -6.04
CA ASP A 34 2.78 4.03 -7.36
C ASP A 34 2.95 5.12 -8.41
N GLY A 35 2.22 6.23 -8.23
CA GLY A 35 2.32 7.33 -9.16
C GLY A 35 3.53 8.21 -8.90
N SER A 36 3.87 8.38 -7.63
CA SER A 36 5.01 9.21 -7.24
C SER A 36 6.32 8.52 -7.60
N VAL A 37 7.25 9.29 -8.15
CA VAL A 37 8.56 8.76 -8.54
C VAL A 37 9.42 8.49 -7.32
N GLY A 38 10.19 7.41 -7.37
CA GLY A 38 11.07 7.06 -6.26
C GLY A 38 12.44 6.62 -6.72
N LYS A 39 12.73 5.33 -6.53
CA LYS A 39 14.02 4.77 -6.94
C LYS A 39 13.96 4.22 -8.34
N SER A 40 12.98 3.37 -8.61
CA SER A 40 12.81 2.77 -9.92
C SER A 40 12.48 3.83 -10.97
N GLY A 41 12.32 3.40 -12.22
CA GLY A 41 12.00 4.32 -13.29
C GLY A 41 10.86 3.84 -14.15
N PRO A 42 10.67 4.49 -15.31
CA PRO A 42 9.60 4.14 -16.26
C PRO A 42 9.85 2.80 -16.94
N SER A 43 8.80 2.01 -17.08
CA SER A 43 8.91 0.70 -17.73
C SER A 43 7.82 0.51 -18.77
N SER A 44 8.13 0.86 -20.02
CA SER A 44 7.18 0.73 -21.11
C SER A 44 6.81 -0.73 -21.34
N GLY A 45 5.51 -1.02 -21.27
CA GLY A 45 5.04 -2.38 -21.48
C GLY A 45 5.11 -2.80 -22.93
ZN ZN B . 0.87 4.89 2.07
N GLY A 1 -7.58 -5.92 20.92
CA GLY A 1 -7.32 -4.96 21.99
C GLY A 1 -5.87 -4.97 22.43
N SER A 2 -5.58 -4.27 23.53
CA SER A 2 -4.22 -4.20 24.05
C SER A 2 -3.79 -5.52 24.66
N SER A 3 -4.76 -6.23 25.26
CA SER A 3 -4.48 -7.52 25.89
C SER A 3 -4.66 -8.65 24.89
N GLY A 4 -3.84 -8.66 23.85
CA GLY A 4 -3.93 -9.70 22.84
C GLY A 4 -3.12 -9.37 21.59
N SER A 5 -3.81 -9.19 20.47
CA SER A 5 -3.15 -8.88 19.21
C SER A 5 -4.12 -8.24 18.23
N SER A 6 -3.58 -7.59 17.21
CA SER A 6 -4.40 -6.93 16.19
C SER A 6 -4.57 -7.82 14.96
N GLY A 7 -3.46 -8.07 14.27
CA GLY A 7 -3.51 -8.90 13.08
C GLY A 7 -3.23 -8.12 11.81
N GLU A 8 -3.72 -8.64 10.69
CA GLU A 8 -3.52 -7.97 9.41
C GLU A 8 -4.84 -7.84 8.66
N LYS A 9 -5.15 -6.61 8.25
CA LYS A 9 -6.39 -6.34 7.52
C LYS A 9 -6.23 -6.69 6.04
N PRO A 10 -7.37 -6.87 5.35
CA PRO A 10 -7.39 -7.20 3.93
C PRO A 10 -6.93 -6.02 3.05
N TYR A 11 -6.93 -4.83 3.64
CA TYR A 11 -6.52 -3.63 2.91
C TYR A 11 -5.56 -2.79 3.75
N SER A 12 -4.39 -2.51 3.20
CA SER A 12 -3.39 -1.72 3.89
C SER A 12 -2.36 -1.16 2.91
N CYS A 13 -1.51 -0.25 3.41
CA CYS A 13 -0.49 0.35 2.57
C CYS A 13 0.92 -0.07 3.03
N PRO A 14 1.27 -1.32 2.72
CA PRO A 14 2.58 -1.87 3.10
C PRO A 14 3.72 -1.24 2.30
N VAL A 15 3.38 -0.49 1.27
CA VAL A 15 4.37 0.16 0.43
C VAL A 15 5.16 1.18 1.22
N CYS A 16 4.47 1.96 2.04
CA CYS A 16 5.10 2.99 2.86
C CYS A 16 4.93 2.67 4.35
N GLY A 17 3.88 1.93 4.68
CA GLY A 17 3.63 1.58 6.07
C GLY A 17 2.46 2.35 6.65
N LEU A 18 1.25 1.96 6.28
CA LEU A 18 0.05 2.63 6.78
C LEU A 18 -1.20 1.80 6.47
N ARG A 19 -1.74 1.14 7.49
CA ARG A 19 -2.94 0.32 7.32
C ARG A 19 -4.17 1.20 7.13
N PHE A 20 -5.23 0.61 6.60
CA PHE A 20 -6.47 1.33 6.36
C PHE A 20 -7.69 0.44 6.63
N LYS A 21 -8.87 1.04 6.59
CA LYS A 21 -10.11 0.30 6.84
C LYS A 21 -10.92 0.14 5.55
N ARG A 22 -11.08 1.25 4.83
CA ARG A 22 -11.84 1.23 3.58
C ARG A 22 -10.99 0.67 2.43
N LYS A 23 -11.65 0.06 1.46
CA LYS A 23 -10.96 -0.53 0.32
C LYS A 23 -10.81 0.49 -0.80
N ASP A 24 -11.74 1.43 -0.87
CA ASP A 24 -11.69 2.47 -1.89
C ASP A 24 -10.91 3.69 -1.41
N ARG A 25 -10.87 3.87 -0.10
CA ARG A 25 -10.16 4.99 0.50
C ARG A 25 -8.66 4.70 0.59
N MET A 26 -8.33 3.43 0.82
CA MET A 26 -6.93 3.02 0.92
C MET A 26 -6.23 3.12 -0.43
N SER A 27 -6.99 2.94 -1.50
CA SER A 27 -6.44 3.02 -2.85
C SER A 27 -5.97 4.43 -3.17
N TYR A 28 -6.78 5.42 -2.79
CA TYR A 28 -6.45 6.81 -3.04
C TYR A 28 -5.09 7.17 -2.45
N HIS A 29 -4.69 6.43 -1.42
CA HIS A 29 -3.41 6.67 -0.75
C HIS A 29 -2.34 5.74 -1.32
N VAL A 30 -2.60 4.44 -1.27
CA VAL A 30 -1.67 3.45 -1.78
C VAL A 30 -1.25 3.75 -3.21
N ARG A 31 -2.17 4.33 -3.98
CA ARG A 31 -1.91 4.67 -5.37
C ARG A 31 -0.91 5.82 -5.46
N SER A 32 -0.90 6.68 -4.45
CA SER A 32 0.01 7.82 -4.42
C SER A 32 1.44 7.37 -4.65
N HIS A 33 1.75 6.15 -4.23
CA HIS A 33 3.09 5.60 -4.37
C HIS A 33 3.26 4.97 -5.75
N ASP A 34 2.97 5.73 -6.79
CA ASP A 34 3.10 5.24 -8.16
C ASP A 34 4.52 5.48 -8.69
N GLY A 35 5.06 4.46 -9.35
CA GLY A 35 6.40 4.57 -9.89
C GLY A 35 7.25 3.35 -9.62
N SER A 36 7.26 2.91 -8.36
CA SER A 36 8.05 1.75 -7.96
C SER A 36 9.50 1.90 -8.36
N VAL A 37 9.96 3.15 -8.43
CA VAL A 37 11.34 3.44 -8.80
C VAL A 37 12.29 3.18 -7.64
N GLY A 38 13.47 2.65 -7.96
CA GLY A 38 14.45 2.37 -6.93
C GLY A 38 14.42 0.91 -6.48
N LYS A 39 14.89 0.03 -7.36
CA LYS A 39 14.91 -1.41 -7.05
C LYS A 39 16.34 -1.93 -7.06
N SER A 40 16.74 -2.55 -5.96
CA SER A 40 18.09 -3.11 -5.84
C SER A 40 18.04 -4.57 -5.40
N GLY A 41 18.60 -5.45 -6.22
CA GLY A 41 18.61 -6.87 -5.90
C GLY A 41 17.37 -7.58 -6.41
N PRO A 42 17.30 -7.77 -7.74
CA PRO A 42 16.17 -8.45 -8.38
C PRO A 42 16.14 -9.94 -8.06
N SER A 43 14.93 -10.48 -7.91
CA SER A 43 14.75 -11.90 -7.61
C SER A 43 14.30 -12.67 -8.84
N SER A 44 13.51 -12.01 -9.68
CA SER A 44 13.00 -12.64 -10.90
C SER A 44 13.40 -11.83 -12.13
N GLY A 45 12.93 -12.27 -13.29
CA GLY A 45 13.23 -11.57 -14.53
C GLY A 45 12.07 -11.54 -15.49
ZN ZN B . 1.11 4.82 1.79
N GLY A 1 13.47 -2.30 21.17
CA GLY A 1 13.38 -2.43 19.73
C GLY A 1 12.83 -3.78 19.31
N SER A 2 11.52 -3.97 19.47
CA SER A 2 10.88 -5.22 19.10
C SER A 2 9.56 -4.96 18.37
N SER A 3 9.41 -5.58 17.21
CA SER A 3 8.19 -5.41 16.41
C SER A 3 7.45 -6.73 16.29
N GLY A 4 6.14 -6.69 16.58
CA GLY A 4 5.33 -7.90 16.49
C GLY A 4 3.91 -7.61 16.06
N SER A 5 3.73 -7.39 14.77
CA SER A 5 2.40 -7.10 14.22
C SER A 5 1.39 -8.15 14.63
N SER A 6 0.28 -7.71 15.23
CA SER A 6 -0.76 -8.61 15.67
C SER A 6 -2.03 -8.42 14.87
N GLY A 7 -2.21 -9.24 13.84
CA GLY A 7 -3.39 -9.14 13.00
C GLY A 7 -3.14 -8.35 11.73
N GLU A 8 -3.60 -8.88 10.60
CA GLU A 8 -3.41 -8.21 9.31
C GLU A 8 -4.75 -8.01 8.61
N LYS A 9 -4.98 -6.80 8.11
CA LYS A 9 -6.21 -6.47 7.41
C LYS A 9 -6.11 -6.81 5.93
N PRO A 10 -7.27 -6.94 5.27
CA PRO A 10 -7.33 -7.26 3.84
C PRO A 10 -6.84 -6.11 2.97
N TYR A 11 -6.80 -4.91 3.54
CA TYR A 11 -6.37 -3.72 2.82
C TYR A 11 -5.43 -2.88 3.67
N SER A 12 -4.21 -2.69 3.18
CA SER A 12 -3.22 -1.89 3.91
C SER A 12 -2.21 -1.27 2.94
N CYS A 13 -1.38 -0.38 3.46
CA CYS A 13 -0.37 0.29 2.65
C CYS A 13 1.04 -0.11 3.08
N PRO A 14 1.44 -1.33 2.73
CA PRO A 14 2.77 -1.86 3.07
C PRO A 14 3.88 -1.17 2.30
N VAL A 15 3.51 -0.38 1.29
CA VAL A 15 4.47 0.33 0.47
C VAL A 15 5.24 1.36 1.31
N CYS A 16 4.52 2.08 2.16
CA CYS A 16 5.13 3.09 3.02
C CYS A 16 4.97 2.72 4.49
N GLY A 17 3.94 1.94 4.79
CA GLY A 17 3.71 1.53 6.16
C GLY A 17 2.53 2.25 6.79
N LEU A 18 1.33 1.85 6.43
CA LEU A 18 0.12 2.48 6.96
C LEU A 18 -1.11 1.63 6.65
N ARG A 19 -1.73 1.07 7.69
CA ARG A 19 -2.92 0.25 7.52
C ARG A 19 -4.14 1.11 7.20
N PHE A 20 -5.17 0.49 6.63
CA PHE A 20 -6.38 1.20 6.26
C PHE A 20 -7.61 0.33 6.52
N LYS A 21 -8.78 0.95 6.55
CA LYS A 21 -10.03 0.24 6.78
C LYS A 21 -10.92 0.27 5.53
N ARG A 22 -10.90 1.40 4.83
CA ARG A 22 -11.70 1.55 3.62
C ARG A 22 -10.98 0.97 2.41
N LYS A 23 -11.74 0.38 1.50
CA LYS A 23 -11.18 -0.21 0.29
C LYS A 23 -11.07 0.82 -0.83
N ASP A 24 -11.96 1.81 -0.80
CA ASP A 24 -11.98 2.85 -1.82
C ASP A 24 -11.00 3.97 -1.45
N ARG A 25 -10.76 4.15 -0.16
CA ARG A 25 -9.85 5.18 0.32
C ARG A 25 -8.40 4.72 0.20
N MET A 26 -8.13 3.51 0.69
CA MET A 26 -6.78 2.95 0.64
C MET A 26 -6.25 2.94 -0.79
N SER A 27 -7.16 2.80 -1.76
CA SER A 27 -6.77 2.77 -3.16
C SER A 27 -6.30 4.13 -3.62
N TYR A 28 -6.78 5.18 -2.97
CA TYR A 28 -6.41 6.55 -3.31
C TYR A 28 -5.07 6.92 -2.69
N HIS A 29 -4.74 6.26 -1.58
CA HIS A 29 -3.48 6.52 -0.89
C HIS A 29 -2.37 5.61 -1.41
N VAL A 30 -2.62 4.31 -1.37
CA VAL A 30 -1.64 3.33 -1.84
C VAL A 30 -1.19 3.64 -3.26
N ARG A 31 -2.07 4.28 -4.03
CA ARG A 31 -1.76 4.64 -5.41
C ARG A 31 -0.86 5.87 -5.46
N SER A 32 -1.00 6.76 -4.48
CA SER A 32 -0.21 7.98 -4.42
C SER A 32 1.28 7.65 -4.52
N HIS A 33 1.66 6.47 -4.05
CA HIS A 33 3.05 6.04 -4.07
C HIS A 33 3.45 5.59 -5.48
N ASP A 34 2.50 4.96 -6.17
CA ASP A 34 2.75 4.47 -7.53
C ASP A 34 2.93 5.63 -8.50
N GLY A 35 4.16 5.80 -9.00
CA GLY A 35 4.44 6.87 -9.92
C GLY A 35 4.91 8.13 -9.23
N SER A 36 6.20 8.41 -9.34
CA SER A 36 6.78 9.61 -8.71
C SER A 36 6.54 10.85 -9.56
N VAL A 37 6.67 12.01 -8.94
CA VAL A 37 6.46 13.28 -9.65
C VAL A 37 7.73 13.72 -10.36
N GLY A 38 8.88 13.37 -9.79
CA GLY A 38 10.15 13.74 -10.39
C GLY A 38 10.30 13.20 -11.80
N LYS A 39 10.33 11.88 -11.92
CA LYS A 39 10.48 11.25 -13.23
C LYS A 39 9.16 11.26 -14.00
N SER A 40 9.17 10.70 -15.20
CA SER A 40 7.97 10.65 -16.03
C SER A 40 7.62 9.21 -16.40
N GLY A 41 6.42 9.02 -16.93
CA GLY A 41 5.99 7.69 -17.33
C GLY A 41 4.94 7.73 -18.42
N PRO A 42 4.53 6.54 -18.88
CA PRO A 42 3.53 6.40 -19.95
C PRO A 42 2.14 6.81 -19.47
N SER A 43 1.80 8.08 -19.67
CA SER A 43 0.49 8.59 -19.25
C SER A 43 -0.21 9.29 -20.42
N SER A 44 -1.23 8.63 -20.97
CA SER A 44 -1.98 9.18 -22.09
C SER A 44 -3.48 9.04 -21.87
N GLY A 45 -4.15 10.16 -21.61
CA GLY A 45 -5.57 10.15 -21.38
C GLY A 45 -6.02 11.24 -20.43
ZN ZN B . 1.08 4.83 2.02
N GLY A 1 12.05 -17.16 18.99
CA GLY A 1 10.90 -16.54 19.63
C GLY A 1 10.01 -15.82 18.62
N SER A 2 9.12 -16.58 17.98
CA SER A 2 8.21 -16.02 16.99
C SER A 2 6.94 -15.48 17.67
N SER A 3 6.41 -14.38 17.15
CA SER A 3 5.21 -13.78 17.69
C SER A 3 4.72 -12.64 16.80
N GLY A 4 3.44 -12.28 16.95
CA GLY A 4 2.88 -11.21 16.15
C GLY A 4 2.49 -11.67 14.75
N SER A 5 1.58 -12.64 14.69
CA SER A 5 1.12 -13.17 13.41
C SER A 5 -0.34 -12.80 13.15
N SER A 6 -1.15 -12.87 14.21
CA SER A 6 -2.57 -12.55 14.10
C SER A 6 -2.79 -11.04 14.13
N GLY A 7 -2.84 -10.43 12.95
CA GLY A 7 -3.05 -9.00 12.86
C GLY A 7 -2.80 -8.46 11.47
N GLU A 8 -3.64 -8.87 10.52
CA GLU A 8 -3.50 -8.42 9.14
C GLU A 8 -4.88 -8.14 8.52
N LYS A 9 -4.96 -7.07 7.75
CA LYS A 9 -6.20 -6.69 7.10
C LYS A 9 -6.13 -6.93 5.60
N PRO A 10 -7.30 -7.00 4.94
CA PRO A 10 -7.39 -7.23 3.50
C PRO A 10 -6.92 -6.03 2.70
N TYR A 11 -6.83 -4.88 3.34
CA TYR A 11 -6.38 -3.65 2.68
C TYR A 11 -5.43 -2.88 3.58
N SER A 12 -4.25 -2.57 3.04
CA SER A 12 -3.23 -1.83 3.78
C SER A 12 -2.22 -1.21 2.84
N CYS A 13 -1.40 -0.31 3.38
CA CYS A 13 -0.38 0.37 2.58
C CYS A 13 1.02 -0.03 3.04
N PRO A 14 1.43 -1.25 2.69
CA PRO A 14 2.75 -1.78 3.05
C PRO A 14 3.88 -1.08 2.30
N VAL A 15 3.52 -0.31 1.29
CA VAL A 15 4.50 0.42 0.49
C VAL A 15 5.24 1.44 1.34
N CYS A 16 4.50 2.15 2.18
CA CYS A 16 5.09 3.16 3.05
C CYS A 16 4.93 2.79 4.52
N GLY A 17 3.90 1.99 4.81
CA GLY A 17 3.66 1.57 6.17
C GLY A 17 2.48 2.28 6.80
N LEU A 18 1.27 1.90 6.39
CA LEU A 18 0.06 2.51 6.92
C LEU A 18 -1.17 1.68 6.56
N ARG A 19 -1.76 1.04 7.56
CA ARG A 19 -2.95 0.21 7.35
C ARG A 19 -4.17 1.07 7.08
N PHE A 20 -5.20 0.47 6.50
CA PHE A 20 -6.43 1.18 6.18
C PHE A 20 -7.65 0.29 6.37
N LYS A 21 -8.79 0.90 6.65
CA LYS A 21 -10.03 0.15 6.85
C LYS A 21 -10.89 0.16 5.59
N ARG A 22 -10.91 1.30 4.90
CA ARG A 22 -11.68 1.44 3.68
C ARG A 22 -10.91 0.89 2.47
N LYS A 23 -11.64 0.30 1.53
CA LYS A 23 -11.03 -0.26 0.34
C LYS A 23 -10.93 0.79 -0.78
N ASP A 24 -11.85 1.76 -0.75
CA ASP A 24 -11.87 2.82 -1.75
C ASP A 24 -10.96 3.97 -1.33
N ARG A 25 -10.76 4.11 -0.02
CA ARG A 25 -9.92 5.18 0.51
C ARG A 25 -8.45 4.80 0.44
N MET A 26 -8.16 3.51 0.65
CA MET A 26 -6.80 3.02 0.61
C MET A 26 -6.26 3.00 -0.82
N SER A 27 -7.16 2.85 -1.78
CA SER A 27 -6.78 2.83 -3.19
C SER A 27 -6.30 4.20 -3.64
N TYR A 28 -6.78 5.24 -2.98
CA TYR A 28 -6.40 6.60 -3.31
C TYR A 28 -5.07 6.98 -2.67
N HIS A 29 -4.75 6.33 -1.55
CA HIS A 29 -3.51 6.59 -0.84
C HIS A 29 -2.39 5.69 -1.36
N VAL A 30 -2.62 4.39 -1.36
CA VAL A 30 -1.64 3.43 -1.84
C VAL A 30 -1.15 3.79 -3.24
N ARG A 31 -2.06 4.31 -4.06
CA ARG A 31 -1.72 4.69 -5.42
C ARG A 31 -0.78 5.90 -5.43
N SER A 32 -0.90 6.74 -4.40
CA SER A 32 -0.07 7.94 -4.30
C SER A 32 1.41 7.58 -4.44
N HIS A 33 1.77 6.37 -4.03
CA HIS A 33 3.14 5.91 -4.12
C HIS A 33 3.44 5.32 -5.49
N ASP A 34 2.43 4.71 -6.09
CA ASP A 34 2.58 4.10 -7.42
C ASP A 34 2.76 5.17 -8.49
N GLY A 35 3.94 5.22 -9.07
CA GLY A 35 4.23 6.19 -10.11
C GLY A 35 5.46 5.85 -10.92
N SER A 36 6.60 6.41 -10.53
CA SER A 36 7.85 6.16 -11.23
C SER A 36 8.87 5.49 -10.30
N VAL A 37 8.56 4.28 -9.87
CA VAL A 37 9.45 3.53 -8.99
C VAL A 37 9.66 2.10 -9.50
N GLY A 38 10.77 1.50 -9.08
CA GLY A 38 11.08 0.15 -9.51
C GLY A 38 12.49 -0.26 -9.17
N LYS A 39 13.20 -0.82 -10.15
CA LYS A 39 14.58 -1.25 -9.95
C LYS A 39 15.48 -0.71 -11.05
N SER A 40 15.01 -0.77 -12.29
CA SER A 40 15.78 -0.28 -13.43
C SER A 40 17.10 -1.03 -13.55
N GLY A 41 17.13 -2.26 -13.07
CA GLY A 41 18.34 -3.07 -13.12
C GLY A 41 18.21 -4.22 -14.10
N PRO A 42 19.24 -5.08 -14.14
CA PRO A 42 19.27 -6.24 -15.03
C PRO A 42 18.28 -7.32 -14.59
N SER A 43 17.16 -7.41 -15.31
CA SER A 43 16.13 -8.38 -15.00
C SER A 43 15.72 -9.16 -16.25
N SER A 44 16.03 -10.45 -16.26
CA SER A 44 15.71 -11.32 -17.40
C SER A 44 14.87 -12.51 -16.95
N GLY A 45 14.11 -12.32 -15.89
CA GLY A 45 13.27 -13.41 -15.38
C GLY A 45 12.21 -12.90 -14.42
ZN ZN B . 1.06 4.94 2.03
N GLY A 1 5.32 -20.48 5.32
CA GLY A 1 4.91 -20.00 4.01
C GLY A 1 3.48 -19.49 3.99
N SER A 2 2.64 -20.09 4.83
CA SER A 2 1.23 -19.69 4.90
C SER A 2 0.94 -18.99 6.23
N SER A 3 1.53 -17.81 6.43
CA SER A 3 1.33 -17.05 7.65
C SER A 3 -0.02 -16.34 7.63
N GLY A 4 -0.28 -15.61 6.55
CA GLY A 4 -1.53 -14.89 6.43
C GLY A 4 -1.34 -13.49 5.87
N SER A 5 -2.13 -12.54 6.36
CA SER A 5 -2.06 -11.16 5.89
C SER A 5 -0.84 -10.45 6.51
N SER A 6 -0.48 -9.32 5.91
CA SER A 6 0.67 -8.55 6.39
C SER A 6 0.24 -7.59 7.50
N GLY A 7 -0.85 -6.87 7.27
CA GLY A 7 -1.33 -5.93 8.26
C GLY A 7 -2.56 -6.43 8.99
N GLU A 8 -2.76 -7.74 8.95
CA GLU A 8 -3.91 -8.35 9.61
C GLU A 8 -5.22 -7.72 9.13
N LYS A 9 -5.24 -7.32 7.86
CA LYS A 9 -6.43 -6.70 7.27
C LYS A 9 -6.50 -6.99 5.78
N PRO A 10 -7.70 -6.84 5.21
CA PRO A 10 -7.94 -7.08 3.78
C PRO A 10 -7.27 -6.01 2.90
N TYR A 11 -6.98 -4.87 3.49
CA TYR A 11 -6.34 -3.77 2.77
C TYR A 11 -5.34 -3.04 3.65
N SER A 12 -4.16 -2.76 3.09
CA SER A 12 -3.11 -2.07 3.82
C SER A 12 -2.13 -1.41 2.87
N CYS A 13 -1.31 -0.50 3.40
CA CYS A 13 -0.33 0.21 2.60
C CYS A 13 1.09 -0.14 3.04
N PRO A 14 1.54 -1.35 2.69
CA PRO A 14 2.88 -1.84 3.05
C PRO A 14 3.98 -1.11 2.28
N VAL A 15 3.59 -0.33 1.28
CA VAL A 15 4.53 0.42 0.47
C VAL A 15 5.26 1.46 1.31
N CYS A 16 4.50 2.16 2.15
CA CYS A 16 5.06 3.19 3.02
C CYS A 16 4.92 2.82 4.49
N GLY A 17 3.91 2.00 4.79
CA GLY A 17 3.67 1.57 6.16
C GLY A 17 2.49 2.28 6.79
N LEU A 18 1.29 1.85 6.42
CA LEU A 18 0.07 2.45 6.95
C LEU A 18 -1.14 1.59 6.62
N ARG A 19 -1.86 1.16 7.66
CA ARG A 19 -3.05 0.33 7.48
C ARG A 19 -4.26 1.19 7.18
N PHE A 20 -5.31 0.56 6.65
CA PHE A 20 -6.54 1.26 6.31
C PHE A 20 -7.76 0.39 6.58
N LYS A 21 -8.95 1.00 6.52
CA LYS A 21 -10.19 0.28 6.75
C LYS A 21 -11.03 0.21 5.48
N ARG A 22 -11.08 1.32 4.76
CA ARG A 22 -11.85 1.39 3.52
C ARG A 22 -11.04 0.86 2.34
N LYS A 23 -11.73 0.32 1.34
CA LYS A 23 -11.07 -0.22 0.15
C LYS A 23 -10.88 0.86 -0.90
N ASP A 24 -11.76 1.85 -0.90
CA ASP A 24 -11.69 2.94 -1.87
C ASP A 24 -10.79 4.07 -1.34
N ARG A 25 -10.69 4.16 -0.02
CA ARG A 25 -9.86 5.20 0.59
C ARG A 25 -8.40 4.77 0.64
N MET A 26 -8.16 3.47 0.78
CA MET A 26 -6.81 2.94 0.82
C MET A 26 -6.17 2.98 -0.56
N SER A 27 -6.98 2.87 -1.60
CA SER A 27 -6.49 2.90 -2.97
C SER A 27 -5.94 4.28 -3.33
N TYR A 28 -6.72 5.31 -3.05
CA TYR A 28 -6.32 6.68 -3.33
C TYR A 28 -4.99 7.02 -2.66
N HIS A 29 -4.70 6.32 -1.57
CA HIS A 29 -3.46 6.54 -0.83
C HIS A 29 -2.35 5.65 -1.37
N VAL A 30 -2.56 4.33 -1.30
CA VAL A 30 -1.56 3.37 -1.79
C VAL A 30 -1.14 3.70 -3.22
N ARG A 31 -2.10 4.13 -4.03
CA ARG A 31 -1.83 4.48 -5.42
C ARG A 31 -0.95 5.73 -5.50
N SER A 32 -1.10 6.62 -4.54
CA SER A 32 -0.33 7.86 -4.50
C SER A 32 1.16 7.57 -4.63
N HIS A 33 1.58 6.41 -4.13
CA HIS A 33 2.98 6.02 -4.19
C HIS A 33 3.36 5.56 -5.60
N ASP A 34 2.44 4.87 -6.26
CA ASP A 34 2.68 4.37 -7.61
C ASP A 34 2.68 5.52 -8.62
N GLY A 35 1.56 6.22 -8.72
CA GLY A 35 1.44 7.33 -9.65
C GLY A 35 2.11 8.59 -9.12
N SER A 36 3.43 8.55 -8.98
CA SER A 36 4.19 9.69 -8.47
C SER A 36 5.68 9.48 -8.64
N VAL A 37 6.47 10.48 -8.27
CA VAL A 37 7.92 10.40 -8.38
C VAL A 37 8.49 9.49 -7.30
N GLY A 38 9.51 8.71 -7.67
CA GLY A 38 10.13 7.81 -6.72
C GLY A 38 11.19 8.49 -5.88
N LYS A 39 10.87 8.74 -4.61
CA LYS A 39 11.80 9.40 -3.70
C LYS A 39 12.94 8.46 -3.31
N SER A 40 13.99 8.42 -4.13
CA SER A 40 15.13 7.56 -3.87
C SER A 40 16.14 8.26 -2.98
N GLY A 41 15.71 8.64 -1.77
CA GLY A 41 16.59 9.30 -0.84
C GLY A 41 17.62 8.38 -0.23
N PRO A 42 17.16 7.45 0.63
CA PRO A 42 18.03 6.49 1.29
C PRO A 42 18.59 5.45 0.32
N SER A 43 19.91 5.38 0.23
CA SER A 43 20.57 4.42 -0.66
C SER A 43 20.54 3.02 -0.06
N SER A 44 20.17 2.04 -0.88
CA SER A 44 20.10 0.65 -0.44
C SER A 44 20.89 -0.26 -1.38
N GLY A 45 20.94 -1.55 -1.04
CA GLY A 45 21.64 -2.50 -1.87
C GLY A 45 20.99 -3.87 -1.87
ZN ZN B . 0.98 4.80 1.97
N GLY A 1 6.91 -5.35 17.97
CA GLY A 1 6.49 -6.72 17.72
C GLY A 1 5.32 -7.13 18.59
N SER A 2 5.61 -7.51 19.83
CA SER A 2 4.57 -7.93 20.77
C SER A 2 3.48 -6.88 20.87
N SER A 3 3.83 -5.70 21.34
CA SER A 3 2.88 -4.61 21.49
C SER A 3 2.15 -4.33 20.18
N GLY A 4 0.85 -4.60 20.16
CA GLY A 4 0.07 -4.38 18.97
C GLY A 4 -1.01 -5.43 18.77
N SER A 5 -1.13 -5.94 17.55
CA SER A 5 -2.13 -6.96 17.24
C SER A 5 -1.51 -8.10 16.45
N SER A 6 -1.99 -9.32 16.70
CA SER A 6 -1.48 -10.49 16.01
C SER A 6 -2.36 -10.86 14.82
N GLY A 7 -2.40 -9.97 13.83
CA GLY A 7 -3.20 -10.21 12.65
C GLY A 7 -3.02 -9.14 11.59
N GLU A 8 -3.51 -9.42 10.38
CA GLU A 8 -3.39 -8.48 9.28
C GLU A 8 -4.75 -8.16 8.68
N LYS A 9 -4.81 -7.08 7.90
CA LYS A 9 -6.07 -6.66 7.27
C LYS A 9 -6.04 -6.98 5.78
N PRO A 10 -7.24 -7.03 5.17
CA PRO A 10 -7.39 -7.31 3.74
C PRO A 10 -6.88 -6.17 2.87
N TYR A 11 -6.76 -4.99 3.45
CA TYR A 11 -6.29 -3.81 2.73
C TYR A 11 -5.37 -2.97 3.60
N SER A 12 -4.20 -2.63 3.07
CA SER A 12 -3.23 -1.83 3.81
C SER A 12 -2.24 -1.18 2.85
N CYS A 13 -1.37 -0.33 3.39
CA CYS A 13 -0.37 0.37 2.59
C CYS A 13 1.04 -0.03 3.02
N PRO A 14 1.46 -1.25 2.66
CA PRO A 14 2.78 -1.77 2.99
C PRO A 14 3.90 -1.06 2.23
N VAL A 15 3.51 -0.26 1.24
CA VAL A 15 4.48 0.48 0.44
C VAL A 15 5.23 1.51 1.29
N CYS A 16 4.50 2.20 2.15
CA CYS A 16 5.09 3.21 3.00
C CYS A 16 4.94 2.83 4.48
N GLY A 17 3.92 2.02 4.77
CA GLY A 17 3.69 1.59 6.13
C GLY A 17 2.51 2.30 6.77
N LEU A 18 1.30 1.89 6.39
CA LEU A 18 0.09 2.49 6.93
C LEU A 18 -1.14 1.64 6.59
N ARG A 19 -1.76 1.06 7.61
CA ARG A 19 -2.94 0.22 7.43
C ARG A 19 -4.15 1.08 7.07
N PHE A 20 -5.20 0.43 6.60
CA PHE A 20 -6.43 1.12 6.23
C PHE A 20 -7.65 0.24 6.46
N LYS A 21 -8.83 0.85 6.46
CA LYS A 21 -10.07 0.13 6.68
C LYS A 21 -10.97 0.19 5.44
N ARG A 22 -10.92 1.33 4.75
CA ARG A 22 -11.72 1.51 3.54
C ARG A 22 -10.95 1.08 2.30
N LYS A 23 -11.58 0.27 1.47
CA LYS A 23 -10.96 -0.22 0.24
C LYS A 23 -10.88 0.89 -0.80
N ASP A 24 -11.84 1.80 -0.76
CA ASP A 24 -11.89 2.91 -1.71
C ASP A 24 -10.96 4.04 -1.26
N ARG A 25 -10.72 4.13 0.04
CA ARG A 25 -9.86 5.16 0.60
C ARG A 25 -8.39 4.76 0.48
N MET A 26 -8.11 3.48 0.70
CA MET A 26 -6.75 2.97 0.62
C MET A 26 -6.25 2.98 -0.82
N SER A 27 -7.17 2.85 -1.76
CA SER A 27 -6.82 2.86 -3.18
C SER A 27 -6.36 4.23 -3.63
N TYR A 28 -6.82 5.26 -2.94
CA TYR A 28 -6.45 6.63 -3.26
C TYR A 28 -5.12 7.01 -2.63
N HIS A 29 -4.80 6.35 -1.52
CA HIS A 29 -3.54 6.61 -0.82
C HIS A 29 -2.42 5.72 -1.35
N VAL A 30 -2.65 4.41 -1.34
CA VAL A 30 -1.65 3.47 -1.83
C VAL A 30 -1.19 3.83 -3.23
N ARG A 31 -2.11 4.35 -4.03
CA ARG A 31 -1.80 4.74 -5.40
C ARG A 31 -0.85 5.93 -5.43
N SER A 32 -0.96 6.79 -4.42
CA SER A 32 -0.11 7.98 -4.32
C SER A 32 1.36 7.61 -4.47
N HIS A 33 1.71 6.40 -4.03
CA HIS A 33 3.08 5.93 -4.11
C HIS A 33 3.38 5.37 -5.49
N ASP A 34 2.56 4.42 -5.94
CA ASP A 34 2.74 3.80 -7.26
C ASP A 34 2.73 4.85 -8.36
N GLY A 35 3.86 4.98 -9.05
CA GLY A 35 3.96 5.96 -10.12
C GLY A 35 5.37 6.47 -10.32
N SER A 36 5.97 6.97 -9.23
CA SER A 36 7.33 7.50 -9.29
C SER A 36 8.28 6.48 -9.91
N VAL A 37 8.74 6.77 -11.13
CA VAL A 37 9.65 5.88 -11.83
C VAL A 37 11.09 6.37 -11.70
N GLY A 38 12.02 5.43 -11.52
CA GLY A 38 13.41 5.79 -11.38
C GLY A 38 13.78 6.21 -9.98
N LYS A 39 14.71 5.50 -9.35
CA LYS A 39 15.14 5.81 -8.00
C LYS A 39 16.51 6.50 -8.01
N SER A 40 17.53 5.77 -8.45
CA SER A 40 18.88 6.32 -8.51
C SER A 40 19.01 7.34 -9.63
N GLY A 41 18.89 6.87 -10.88
CA GLY A 41 18.99 7.76 -12.02
C GLY A 41 19.10 6.98 -13.32
N PRO A 42 20.27 6.40 -13.57
CA PRO A 42 20.52 5.63 -14.80
C PRO A 42 19.75 4.32 -14.84
N SER A 43 19.29 3.88 -13.68
CA SER A 43 18.54 2.63 -13.57
C SER A 43 17.04 2.91 -13.47
N SER A 44 16.49 3.51 -14.53
CA SER A 44 15.07 3.84 -14.57
C SER A 44 14.23 2.59 -14.36
N GLY A 45 13.24 2.70 -13.47
CA GLY A 45 12.36 1.57 -13.19
C GLY A 45 11.00 1.73 -13.81
ZN ZN B . 1.03 4.95 2.04
N GLY A 1 6.05 -1.61 22.42
CA GLY A 1 4.66 -1.23 22.24
C GLY A 1 3.72 -2.43 22.31
N SER A 2 2.42 -2.14 22.41
CA SER A 2 1.41 -3.18 22.48
C SER A 2 1.05 -3.70 21.09
N SER A 3 0.96 -5.02 20.95
CA SER A 3 0.62 -5.63 19.67
C SER A 3 -0.89 -5.65 19.45
N GLY A 4 -1.63 -5.76 20.56
CA GLY A 4 -3.08 -5.78 20.46
C GLY A 4 -3.64 -7.19 20.39
N SER A 5 -4.80 -7.35 19.77
CA SER A 5 -5.43 -8.65 19.64
C SER A 5 -5.27 -9.20 18.22
N SER A 6 -5.52 -8.35 17.24
CA SER A 6 -5.40 -8.75 15.83
C SER A 6 -4.48 -7.80 15.07
N GLY A 7 -3.91 -8.29 13.98
CA GLY A 7 -3.01 -7.47 13.18
C GLY A 7 -2.97 -7.90 11.72
N GLU A 8 -4.09 -7.76 11.04
CA GLU A 8 -4.18 -8.15 9.63
C GLU A 8 -5.49 -7.68 9.02
N LYS A 9 -5.41 -7.15 7.80
CA LYS A 9 -6.59 -6.66 7.10
C LYS A 9 -6.47 -6.89 5.59
N PRO A 10 -7.62 -6.87 4.89
CA PRO A 10 -7.66 -7.07 3.44
C PRO A 10 -7.05 -5.90 2.68
N TYR A 11 -6.91 -4.76 3.35
CA TYR A 11 -6.34 -3.58 2.73
C TYR A 11 -5.23 -2.99 3.59
N SER A 12 -4.04 -2.88 3.02
CA SER A 12 -2.89 -2.34 3.74
C SER A 12 -1.97 -1.57 2.79
N CYS A 13 -1.18 -0.65 3.35
CA CYS A 13 -0.25 0.14 2.55
C CYS A 13 1.19 -0.14 2.95
N PRO A 14 1.70 -1.31 2.54
CA PRO A 14 3.07 -1.73 2.84
C PRO A 14 4.10 -0.90 2.10
N VAL A 15 3.64 -0.10 1.15
CA VAL A 15 4.53 0.75 0.35
C VAL A 15 5.21 1.79 1.22
N CYS A 16 4.44 2.42 2.11
CA CYS A 16 4.97 3.44 3.00
C CYS A 16 4.85 3.00 4.46
N GLY A 17 3.90 2.12 4.73
CA GLY A 17 3.70 1.62 6.09
C GLY A 17 2.51 2.26 6.77
N LEU A 18 1.32 1.79 6.43
CA LEU A 18 0.09 2.32 7.02
C LEU A 18 -1.10 1.43 6.67
N ARG A 19 -1.93 1.14 7.68
CA ARG A 19 -3.11 0.30 7.49
C ARG A 19 -4.34 1.15 7.20
N PHE A 20 -5.38 0.51 6.67
CA PHE A 20 -6.62 1.21 6.35
C PHE A 20 -7.82 0.30 6.57
N LYS A 21 -9.01 0.89 6.50
CA LYS A 21 -10.25 0.14 6.70
C LYS A 21 -11.10 0.15 5.43
N ARG A 22 -11.12 1.29 4.75
CA ARG A 22 -11.90 1.44 3.53
C ARG A 22 -11.10 0.94 2.33
N LYS A 23 -11.82 0.48 1.30
CA LYS A 23 -11.19 -0.03 0.09
C LYS A 23 -10.95 1.10 -0.92
N ASP A 24 -11.83 2.10 -0.90
CA ASP A 24 -11.71 3.23 -1.81
C ASP A 24 -10.73 4.26 -1.26
N ARG A 25 -10.59 4.29 0.06
CA ARG A 25 -9.68 5.24 0.70
C ARG A 25 -8.24 4.73 0.65
N MET A 26 -8.07 3.42 0.87
CA MET A 26 -6.75 2.82 0.85
C MET A 26 -6.15 2.85 -0.56
N SER A 27 -7.02 2.76 -1.56
CA SER A 27 -6.59 2.77 -2.95
C SER A 27 -6.03 4.14 -3.34
N TYR A 28 -6.84 5.18 -3.16
CA TYR A 28 -6.41 6.53 -3.49
C TYR A 28 -5.13 6.90 -2.76
N HIS A 29 -4.89 6.25 -1.62
CA HIS A 29 -3.70 6.51 -0.83
C HIS A 29 -2.52 5.71 -1.37
N VAL A 30 -2.62 4.39 -1.30
CA VAL A 30 -1.56 3.51 -1.78
C VAL A 30 -1.15 3.87 -3.20
N ARG A 31 -2.12 4.30 -4.00
CA ARG A 31 -1.86 4.68 -5.39
C ARG A 31 -0.90 5.86 -5.45
N SER A 32 -1.00 6.76 -4.48
CA SER A 32 -0.15 7.94 -4.43
C SER A 32 1.32 7.55 -4.54
N HIS A 33 1.66 6.38 -4.02
CA HIS A 33 3.03 5.89 -4.06
C HIS A 33 3.36 5.30 -5.44
N ASP A 34 2.48 4.42 -5.91
CA ASP A 34 2.69 3.78 -7.21
C ASP A 34 2.39 4.76 -8.35
N GLY A 35 3.36 5.61 -8.65
CA GLY A 35 3.19 6.59 -9.71
C GLY A 35 4.02 6.27 -10.92
N SER A 36 5.33 6.33 -10.78
CA SER A 36 6.25 6.05 -11.88
C SER A 36 6.58 4.57 -11.95
N VAL A 37 6.45 3.99 -13.14
CA VAL A 37 6.74 2.58 -13.33
C VAL A 37 8.24 2.32 -13.38
N GLY A 38 8.62 1.05 -13.43
CA GLY A 38 10.02 0.69 -13.48
C GLY A 38 10.49 0.02 -12.20
N LYS A 39 11.40 0.69 -11.49
CA LYS A 39 11.93 0.15 -10.23
C LYS A 39 10.93 0.32 -9.10
N SER A 40 10.80 -0.71 -8.27
CA SER A 40 9.88 -0.67 -7.14
C SER A 40 10.25 -1.71 -6.09
N GLY A 41 9.52 -1.72 -4.99
CA GLY A 41 9.78 -2.67 -3.92
C GLY A 41 10.95 -2.25 -3.05
N PRO A 42 11.18 -2.99 -1.96
CA PRO A 42 12.26 -2.70 -1.02
C PRO A 42 13.64 -2.98 -1.62
N SER A 43 14.69 -2.64 -0.88
CA SER A 43 16.06 -2.85 -1.34
C SER A 43 16.79 -3.82 -0.43
N SER A 44 16.66 -5.11 -0.72
CA SER A 44 17.31 -6.15 0.09
C SER A 44 18.50 -6.74 -0.66
N GLY A 45 19.25 -7.60 0.02
CA GLY A 45 20.41 -8.23 -0.60
C GLY A 45 21.55 -8.42 0.38
ZN ZN B . 0.80 4.82 2.08
N GLY A 1 6.34 -18.70 9.35
CA GLY A 1 7.04 -19.76 10.04
C GLY A 1 8.56 -19.61 9.96
N SER A 2 9.09 -19.63 8.74
CA SER A 2 10.52 -19.50 8.54
C SER A 2 10.90 -18.05 8.24
N SER A 3 10.44 -17.54 7.11
CA SER A 3 10.73 -16.16 6.71
C SER A 3 9.83 -15.18 7.47
N GLY A 4 8.53 -15.33 7.30
CA GLY A 4 7.58 -14.45 7.97
C GLY A 4 6.96 -13.44 7.02
N SER A 5 6.11 -12.58 7.56
CA SER A 5 5.44 -11.56 6.76
C SER A 5 4.68 -10.58 7.64
N SER A 6 4.78 -9.29 7.31
CA SER A 6 4.11 -8.25 8.08
C SER A 6 2.87 -7.76 7.35
N GLY A 7 1.76 -8.48 7.54
CA GLY A 7 0.52 -8.10 6.89
C GLY A 7 -0.64 -8.04 7.87
N GLU A 8 -1.62 -7.18 7.57
CA GLU A 8 -2.79 -7.03 8.44
C GLU A 8 -3.96 -6.45 7.66
N LYS A 9 -5.16 -6.91 7.99
CA LYS A 9 -6.37 -6.43 7.32
C LYS A 9 -6.34 -6.78 5.83
N PRO A 10 -7.53 -6.78 5.20
CA PRO A 10 -7.67 -7.09 3.78
C PRO A 10 -7.07 -6.01 2.89
N TYR A 11 -6.88 -4.82 3.45
CA TYR A 11 -6.31 -3.71 2.71
C TYR A 11 -5.30 -2.95 3.54
N SER A 12 -4.03 -3.07 3.18
CA SER A 12 -2.94 -2.41 3.90
C SER A 12 -2.02 -1.68 2.93
N CYS A 13 -1.24 -0.74 3.47
CA CYS A 13 -0.30 0.03 2.65
C CYS A 13 1.14 -0.28 3.05
N PRO A 14 1.62 -1.46 2.66
CA PRO A 14 2.99 -1.90 2.96
C PRO A 14 4.03 -1.10 2.19
N VAL A 15 3.57 -0.30 1.23
CA VAL A 15 4.48 0.51 0.42
C VAL A 15 5.18 1.56 1.27
N CYS A 16 4.42 2.22 2.14
CA CYS A 16 4.97 3.25 3.02
C CYS A 16 4.85 2.84 4.48
N GLY A 17 3.88 1.99 4.77
CA GLY A 17 3.68 1.53 6.13
C GLY A 17 2.50 2.20 6.80
N LEU A 18 1.30 1.73 6.48
CA LEU A 18 0.08 2.30 7.05
C LEU A 18 -1.12 1.42 6.75
N ARG A 19 -1.95 1.19 7.76
CA ARG A 19 -3.15 0.36 7.60
C ARG A 19 -4.36 1.22 7.22
N PHE A 20 -5.42 0.57 6.75
CA PHE A 20 -6.63 1.27 6.35
C PHE A 20 -7.86 0.40 6.59
N LYS A 21 -9.03 1.04 6.65
CA LYS A 21 -10.28 0.33 6.86
C LYS A 21 -11.14 0.33 5.61
N ARG A 22 -11.08 1.43 4.86
CA ARG A 22 -11.85 1.56 3.63
C ARG A 22 -11.07 1.02 2.44
N LYS A 23 -11.78 0.53 1.44
CA LYS A 23 -11.16 -0.01 0.23
C LYS A 23 -10.94 1.07 -0.81
N ASP A 24 -11.79 2.10 -0.78
CA ASP A 24 -11.69 3.20 -1.72
C ASP A 24 -10.70 4.25 -1.22
N ARG A 25 -10.52 4.32 0.10
CA ARG A 25 -9.61 5.27 0.70
C ARG A 25 -8.18 4.76 0.65
N MET A 26 -8.02 3.45 0.79
CA MET A 26 -6.70 2.83 0.76
C MET A 26 -6.13 2.81 -0.65
N SER A 27 -7.02 2.74 -1.64
CA SER A 27 -6.62 2.71 -3.04
C SER A 27 -6.00 4.05 -3.45
N TYR A 28 -6.77 5.12 -3.31
CA TYR A 28 -6.30 6.45 -3.67
C TYR A 28 -5.01 6.78 -2.95
N HIS A 29 -4.80 6.17 -1.79
CA HIS A 29 -3.60 6.40 -1.00
C HIS A 29 -2.44 5.54 -1.51
N VAL A 30 -2.59 4.23 -1.39
CA VAL A 30 -1.56 3.30 -1.84
C VAL A 30 -1.16 3.58 -3.28
N ARG A 31 -2.10 4.10 -4.06
CA ARG A 31 -1.85 4.41 -5.47
C ARG A 31 -1.05 5.70 -5.60
N SER A 32 -1.32 6.65 -4.71
CA SER A 32 -0.61 7.93 -4.72
C SER A 32 0.89 7.72 -4.74
N HIS A 33 1.34 6.62 -4.15
CA HIS A 33 2.77 6.31 -4.09
C HIS A 33 3.33 6.05 -5.49
N ASP A 34 2.91 4.94 -6.09
CA ASP A 34 3.37 4.58 -7.43
C ASP A 34 3.07 5.69 -8.42
N GLY A 35 2.01 6.45 -8.16
CA GLY A 35 1.63 7.54 -9.04
C GLY A 35 2.13 8.88 -8.55
N SER A 36 3.45 8.97 -8.32
CA SER A 36 4.06 10.21 -7.85
C SER A 36 5.58 10.09 -7.85
N VAL A 37 6.25 11.23 -7.99
CA VAL A 37 7.70 11.27 -8.01
C VAL A 37 8.28 11.01 -6.62
N GLY A 38 9.60 11.10 -6.51
CA GLY A 38 10.25 10.86 -5.23
C GLY A 38 11.05 9.58 -5.21
N LYS A 39 10.35 8.46 -5.09
CA LYS A 39 11.00 7.15 -5.05
C LYS A 39 10.72 6.37 -6.33
N SER A 40 11.74 5.69 -6.84
CA SER A 40 11.60 4.90 -8.06
C SER A 40 11.77 3.41 -7.77
N GLY A 41 10.73 2.81 -7.21
CA GLY A 41 10.77 1.39 -6.89
C GLY A 41 11.81 1.08 -5.84
N PRO A 42 11.83 -0.19 -5.38
CA PRO A 42 12.78 -0.65 -4.37
C PRO A 42 14.21 -0.71 -4.89
N SER A 43 14.35 -0.94 -6.20
CA SER A 43 15.66 -1.02 -6.82
C SER A 43 16.51 -2.13 -6.18
N SER A 44 15.85 -3.23 -5.83
CA SER A 44 16.54 -4.35 -5.20
C SER A 44 15.91 -5.68 -5.64
N GLY A 45 16.72 -6.74 -5.62
CA GLY A 45 16.24 -8.05 -6.02
C GLY A 45 16.03 -8.16 -7.51
ZN ZN B . 0.82 4.66 2.02
N GLY A 1 10.45 -7.07 22.74
CA GLY A 1 10.26 -6.50 21.42
C GLY A 1 9.98 -7.54 20.37
N SER A 2 8.95 -7.31 19.56
CA SER A 2 8.58 -8.24 18.50
C SER A 2 8.41 -7.51 17.17
N SER A 3 8.17 -8.29 16.11
CA SER A 3 7.99 -7.72 14.78
C SER A 3 7.36 -8.74 13.84
N GLY A 4 6.68 -8.25 12.81
CA GLY A 4 6.05 -9.12 11.85
C GLY A 4 4.59 -9.39 12.17
N SER A 5 3.79 -9.65 11.15
CA SER A 5 2.38 -9.92 11.34
C SER A 5 1.68 -8.75 12.04
N SER A 6 2.02 -7.54 11.61
CA SER A 6 1.44 -6.33 12.20
C SER A 6 0.17 -5.92 11.46
N GLY A 7 0.12 -6.23 10.17
CA GLY A 7 -1.03 -5.88 9.36
C GLY A 7 -1.56 -7.07 8.57
N GLU A 8 -2.49 -7.80 9.18
CA GLU A 8 -3.09 -8.97 8.52
C GLU A 8 -4.47 -8.64 7.97
N LYS A 9 -4.66 -7.38 7.59
CA LYS A 9 -5.93 -6.94 7.04
C LYS A 9 -5.97 -7.12 5.52
N PRO A 10 -7.19 -7.13 4.96
CA PRO A 10 -7.39 -7.29 3.51
C PRO A 10 -6.92 -6.07 2.72
N TYR A 11 -6.80 -4.94 3.41
CA TYR A 11 -6.38 -3.71 2.77
C TYR A 11 -5.40 -2.95 3.66
N SER A 12 -4.21 -2.67 3.12
CA SER A 12 -3.18 -1.95 3.87
C SER A 12 -2.19 -1.28 2.92
N CYS A 13 -1.36 -0.41 3.47
CA CYS A 13 -0.36 0.30 2.68
C CYS A 13 1.05 -0.09 3.10
N PRO A 14 1.48 -1.30 2.73
CA PRO A 14 2.81 -1.81 3.06
C PRO A 14 3.92 -1.09 2.31
N VAL A 15 3.53 -0.27 1.33
CA VAL A 15 4.49 0.48 0.54
C VAL A 15 5.23 1.50 1.39
N CYS A 16 4.49 2.20 2.25
CA CYS A 16 5.07 3.20 3.13
C CYS A 16 4.92 2.80 4.59
N GLY A 17 3.90 1.98 4.88
CA GLY A 17 3.66 1.55 6.24
C GLY A 17 2.47 2.24 6.87
N LEU A 18 1.27 1.81 6.51
CA LEU A 18 0.06 2.40 7.05
C LEU A 18 -1.16 1.56 6.70
N ARG A 19 -1.80 1.00 7.72
CA ARG A 19 -2.99 0.16 7.52
C ARG A 19 -4.18 1.01 7.11
N PHE A 20 -5.23 0.35 6.62
CA PHE A 20 -6.45 1.05 6.20
C PHE A 20 -7.67 0.17 6.41
N LYS A 21 -8.82 0.82 6.61
CA LYS A 21 -10.07 0.10 6.83
C LYS A 21 -10.96 0.15 5.59
N ARG A 22 -10.87 1.26 4.86
CA ARG A 22 -11.66 1.45 3.65
C ARG A 22 -10.88 1.00 2.42
N LYS A 23 -11.60 0.46 1.43
CA LYS A 23 -10.98 -0.01 0.20
C LYS A 23 -10.91 1.12 -0.82
N ASP A 24 -11.88 2.01 -0.79
CA ASP A 24 -11.94 3.13 -1.72
C ASP A 24 -10.92 4.20 -1.33
N ARG A 25 -10.61 4.26 -0.04
CA ARG A 25 -9.65 5.24 0.46
C ARG A 25 -8.21 4.76 0.25
N MET A 26 -7.93 3.55 0.70
CA MET A 26 -6.60 2.98 0.57
C MET A 26 -6.15 2.97 -0.89
N SER A 27 -7.12 2.90 -1.80
CA SER A 27 -6.83 2.88 -3.23
C SER A 27 -6.34 4.25 -3.69
N TYR A 28 -6.73 5.29 -2.97
CA TYR A 28 -6.35 6.65 -3.31
C TYR A 28 -5.02 7.02 -2.66
N HIS A 29 -4.72 6.36 -1.54
CA HIS A 29 -3.48 6.61 -0.81
C HIS A 29 -2.35 5.72 -1.33
N VAL A 30 -2.58 4.42 -1.31
CA VAL A 30 -1.58 3.46 -1.78
C VAL A 30 -1.12 3.79 -3.20
N ARG A 31 -2.08 3.84 -4.12
CA ARG A 31 -1.78 4.15 -5.51
C ARG A 31 -0.98 5.45 -5.63
N SER A 32 -1.27 6.38 -4.73
CA SER A 32 -0.57 7.67 -4.72
C SER A 32 0.93 7.48 -4.74
N HIS A 33 1.39 6.38 -4.15
CA HIS A 33 2.82 6.08 -4.08
C HIS A 33 3.35 5.70 -5.45
N ASP A 34 2.57 4.91 -6.19
CA ASP A 34 2.96 4.47 -7.53
C ASP A 34 2.91 5.63 -8.52
N GLY A 35 4.06 6.26 -8.75
CA GLY A 35 4.12 7.38 -9.67
C GLY A 35 5.21 8.37 -9.33
N SER A 36 5.52 8.47 -8.03
CA SER A 36 6.55 9.39 -7.56
C SER A 36 7.94 8.82 -7.81
N VAL A 37 8.03 7.49 -7.86
CA VAL A 37 9.30 6.82 -8.09
C VAL A 37 10.33 7.21 -7.02
N GLY A 38 10.11 6.73 -5.80
CA GLY A 38 11.02 7.03 -4.71
C GLY A 38 11.12 5.90 -3.70
N LYS A 39 11.15 4.66 -4.21
CA LYS A 39 11.25 3.50 -3.36
C LYS A 39 12.18 2.45 -3.96
N SER A 40 12.75 1.60 -3.11
CA SER A 40 13.66 0.56 -3.57
C SER A 40 12.92 -0.76 -3.81
N GLY A 41 12.16 -0.82 -4.90
CA GLY A 41 11.42 -2.01 -5.22
C GLY A 41 10.40 -1.78 -6.31
N PRO A 42 10.88 -1.56 -7.55
CA PRO A 42 10.02 -1.32 -8.70
C PRO A 42 9.25 -2.57 -9.13
N SER A 43 7.98 -2.63 -8.76
CA SER A 43 7.14 -3.78 -9.10
C SER A 43 6.20 -3.43 -10.25
N SER A 44 6.78 -3.25 -11.44
CA SER A 44 5.99 -2.92 -12.63
C SER A 44 5.54 -4.18 -13.35
N GLY A 45 6.50 -5.08 -13.61
CA GLY A 45 6.19 -6.32 -14.30
C GLY A 45 7.41 -7.18 -14.52
ZN ZN B . 1.02 4.88 2.14
#